data_8XF3
#
_entry.id   8XF3
#
_cell.length_a   230.800
_cell.length_b   230.800
_cell.length_c   230.800
_cell.angle_alpha   90.00
_cell.angle_beta   90.00
_cell.angle_gamma   90.00
#
_symmetry.space_group_name_H-M   'I 4 3 2'
#
loop_
_entity.id
_entity.type
_entity.pdbx_description
1 polymer 'C-phycocyanin alpha chain'
2 polymer 'C-phycocyanin beta chain'
3 non-polymer PHYCOCYANOBILIN
4 non-polymer 'PHOSPHATE ION'
5 water water
#
loop_
_entity_poly.entity_id
_entity_poly.type
_entity_poly.pdbx_seq_one_letter_code
_entity_poly.pdbx_strand_id
1 'polypeptide(L)'
;MKTPITEAIAAADTQGRFLSNTELQAVNGRFERAAASMEAARALTNNAQQLIDGAANAVYQKFPYTTQMQGANFASDSRG
KSKCARDIGYYLRIITYSLVAGGTGPLDEYLIAGLDEINRTFDLSPSWYVEALKYIKANHGLSGQAANEANTYIDYAINA
LS
;
A,C
2 'polypeptide(L)'
;MLDAFAKVVSQADTKGEFLSSAQLDALSNVVKDGSKRLDAVNRMTSNASTIVANAARSLFEEQPQLIQPGG(MEN)AYTN
RRMAACLRDMEIILRYVTYATLAGDSSVLDDRCLNGLRETYQALGVPGGSVAAGVAKMKDAAIAIVNDPNGITKGDCSAL
VSEIASYFDRAAAAVA
;
B,D
#
loop_
_chem_comp.id
_chem_comp.type
_chem_comp.name
_chem_comp.formula
CYC non-polymer PHYCOCYANOBILIN 'C33 H40 N4 O6'
PO4 non-polymer 'PHOSPHATE ION' 'O4 P -3'
#
# COMPACT_ATOMS: atom_id res chain seq x y z
N MET A 1 16.63 4.00 3.46
CA MET A 1 15.77 5.18 3.54
C MET A 1 14.30 4.81 3.39
N LYS A 2 13.43 5.74 3.80
CA LYS A 2 11.98 5.53 3.81
C LYS A 2 11.46 5.57 2.38
N THR A 3 11.22 4.40 1.81
CA THR A 3 10.49 4.22 0.55
C THR A 3 9.33 3.26 0.79
N PRO A 4 8.30 3.26 -0.07
CA PRO A 4 7.17 2.35 0.15
C PRO A 4 7.57 0.89 0.23
N ILE A 5 8.67 0.49 -0.41
CA ILE A 5 9.09 -0.91 -0.37
C ILE A 5 9.79 -1.22 0.95
N THR A 6 10.72 -0.36 1.37
CA THR A 6 11.38 -0.57 2.65
C THR A 6 10.41 -0.37 3.81
N GLU A 7 9.38 0.45 3.63
CA GLU A 7 8.35 0.57 4.65
C GLU A 7 7.57 -0.73 4.80
N ALA A 8 7.22 -1.37 3.68
CA ALA A 8 6.49 -2.63 3.75
C ALA A 8 7.35 -3.73 4.35
N ILE A 9 8.63 -3.79 3.98
CA ILE A 9 9.53 -4.81 4.51
C ILE A 9 9.74 -4.61 6.00
N ALA A 10 9.87 -3.35 6.44
CA ALA A 10 10.07 -3.07 7.86
C ALA A 10 8.87 -3.52 8.68
N ALA A 11 7.65 -3.28 8.18
CA ALA A 11 6.46 -3.71 8.90
C ALA A 11 6.39 -5.23 8.99
N ALA A 12 6.78 -5.92 7.92
CA ALA A 12 6.75 -7.38 7.93
C ALA A 12 7.81 -7.94 8.88
N ASP A 13 9.02 -7.37 8.85
CA ASP A 13 10.10 -7.89 9.69
C ASP A 13 9.82 -7.65 11.17
N THR A 14 9.21 -6.51 11.51
CA THR A 14 8.92 -6.22 12.91
C THR A 14 8.08 -7.32 13.54
N GLN A 15 7.15 -7.89 12.78
CA GLN A 15 6.35 -9.03 13.21
C GLN A 15 6.96 -10.36 12.81
N GLY A 16 8.21 -10.38 12.36
CA GLY A 16 8.92 -11.60 12.01
C GLY A 16 8.16 -12.54 11.09
N ARG A 17 7.57 -11.99 10.03
CA ARG A 17 6.72 -12.78 9.14
C ARG A 17 6.97 -12.38 7.70
N PHE A 18 6.60 -13.28 6.78
CA PHE A 18 6.65 -12.97 5.36
C PHE A 18 5.69 -11.82 5.04
N LEU A 19 5.88 -11.23 3.87
CA LEU A 19 5.00 -10.15 3.45
C LEU A 19 3.61 -10.67 3.14
N SER A 20 2.61 -9.96 3.62
CA SER A 20 1.21 -10.35 3.42
C SER A 20 0.74 -9.96 2.03
N ASN A 21 -0.46 -10.45 1.67
CA ASN A 21 -1.07 -10.06 0.41
C ASN A 21 -1.36 -8.57 0.36
N THR A 22 -1.68 -7.97 1.51
CA THR A 22 -1.94 -6.53 1.54
C THR A 22 -0.66 -5.74 1.32
N GLU A 23 0.44 -6.14 1.95
CA GLU A 23 1.71 -5.48 1.69
C GLU A 23 2.14 -5.65 0.25
N LEU A 24 1.91 -6.83 -0.33
CA LEU A 24 2.23 -7.04 -1.73
C LEU A 24 1.29 -6.27 -2.64
N GLN A 25 0.07 -5.99 -2.17
CA GLN A 25 -0.84 -5.10 -2.90
C GLN A 25 -0.31 -3.67 -2.91
N ALA A 26 0.21 -3.21 -1.78
CA ALA A 26 0.74 -1.85 -1.68
C ALA A 26 1.99 -1.68 -2.54
N VAL A 27 2.88 -2.67 -2.51
CA VAL A 27 4.08 -2.60 -3.34
C VAL A 27 3.71 -2.61 -4.81
N ASN A 28 2.67 -3.34 -5.19
CA ASN A 28 2.20 -3.30 -6.58
C ASN A 28 1.71 -1.91 -6.96
N GLY A 29 1.02 -1.24 -6.03
CA GLY A 29 0.59 0.13 -6.29
C GLY A 29 1.76 1.06 -6.56
N ARG A 30 2.88 0.84 -5.86
CA ARG A 30 4.08 1.62 -6.13
C ARG A 30 4.67 1.26 -7.49
N PHE A 31 4.78 -0.05 -7.78
CA PHE A 31 5.37 -0.48 -9.04
C PHE A 31 4.54 -0.01 -10.24
N GLU A 32 3.22 0.08 -10.08
CA GLU A 32 2.38 0.64 -11.13
C GLU A 32 2.68 2.13 -11.31
N ARG A 33 2.67 2.88 -10.21
CA ARG A 33 2.95 4.32 -10.28
C ARG A 33 4.37 4.60 -10.76
N ALA A 34 5.30 3.66 -10.58
CA ALA A 34 6.71 3.93 -10.82
C ALA A 34 7.00 4.26 -12.28
N ALA A 35 6.17 3.77 -13.21
CA ALA A 35 6.38 4.07 -14.62
C ALA A 35 6.20 5.56 -14.88
N ALA A 36 5.10 6.15 -14.40
CA ALA A 36 4.90 7.59 -14.53
C ALA A 36 5.96 8.35 -13.73
N SER A 37 6.32 7.84 -12.56
CA SER A 37 7.36 8.48 -11.74
C SER A 37 8.69 8.53 -12.47
N MET A 38 9.06 7.44 -13.14
CA MET A 38 10.33 7.41 -13.87
C MET A 38 10.30 8.35 -15.07
N GLU A 39 9.18 8.39 -15.80
CA GLU A 39 9.07 9.29 -16.94
C GLU A 39 9.21 10.74 -16.50
N ALA A 40 8.54 11.11 -15.40
CA ALA A 40 8.68 12.47 -14.88
C ALA A 40 10.11 12.76 -14.47
N ALA A 41 10.75 11.82 -13.77
CA ALA A 41 12.14 12.02 -13.34
C ALA A 41 13.07 12.14 -14.53
N ARG A 42 12.83 11.34 -15.58
CA ARG A 42 13.65 11.43 -16.79
C ARG A 42 13.49 12.79 -17.46
N ALA A 43 12.25 13.28 -17.55
CA ALA A 43 11.99 14.55 -18.21
C ALA A 43 12.65 15.71 -17.46
N LEU A 44 12.46 15.76 -16.13
CA LEU A 44 13.03 16.86 -15.36
C LEU A 44 14.55 16.83 -15.36
N THR A 45 15.15 15.63 -15.42
CA THR A 45 16.60 15.54 -15.44
C THR A 45 17.18 15.97 -16.78
N ASN A 46 16.51 15.59 -17.87
CA ASN A 46 16.99 15.96 -19.19
C ASN A 46 16.88 17.47 -19.42
N ASN A 47 15.70 18.04 -19.17
CA ASN A 47 15.46 19.47 -19.31
C ASN A 47 15.83 20.25 -18.05
N ALA A 48 16.87 19.83 -17.33
CA ALA A 48 17.21 20.51 -16.08
C ALA A 48 17.64 21.95 -16.32
N GLN A 49 18.53 22.17 -17.30
CA GLN A 49 19.08 23.51 -17.50
C GLN A 49 18.01 24.49 -17.95
N GLN A 50 17.18 24.10 -18.92
CA GLN A 50 16.14 25.01 -19.40
C GLN A 50 15.11 25.28 -18.32
N LEU A 51 14.76 24.27 -17.52
CA LEU A 51 13.78 24.48 -16.45
C LEU A 51 14.35 25.36 -15.35
N ILE A 52 15.63 25.16 -14.99
CA ILE A 52 16.25 25.97 -13.94
C ILE A 52 16.31 27.43 -14.37
N ASP A 53 16.83 27.69 -15.58
CA ASP A 53 16.98 29.06 -16.03
C ASP A 53 15.63 29.75 -16.20
N GLY A 54 14.63 29.01 -16.70
CA GLY A 54 13.30 29.57 -16.82
C GLY A 54 12.66 29.86 -15.47
N ALA A 55 12.95 29.02 -14.47
CA ALA A 55 12.41 29.26 -13.14
C ALA A 55 13.01 30.51 -12.51
N ALA A 56 14.33 30.65 -12.60
CA ALA A 56 14.99 31.85 -12.10
C ALA A 56 14.45 33.10 -12.78
N ASN A 57 14.28 33.04 -14.11
CA ASN A 57 13.73 34.18 -14.84
CA ASN A 57 13.73 34.18 -14.84
CA ASN A 57 13.76 34.21 -14.80
C ASN A 57 12.32 34.50 -14.40
N ALA A 58 11.53 33.47 -14.09
CA ALA A 58 10.16 33.70 -13.64
C ALA A 58 10.12 34.38 -12.28
N VAL A 59 11.08 34.06 -11.42
CA VAL A 59 11.16 34.72 -10.12
C VAL A 59 11.57 36.17 -10.29
N TYR A 60 12.53 36.43 -11.19
CA TYR A 60 12.98 37.79 -11.42
C TYR A 60 11.86 38.67 -11.97
N GLN A 61 11.07 38.13 -12.90
CA GLN A 61 9.96 38.89 -13.46
C GLN A 61 8.88 39.13 -12.41
N LYS A 62 8.62 38.12 -11.57
CA LYS A 62 7.55 38.24 -10.57
C LYS A 62 7.93 39.21 -9.46
N PHE A 63 9.16 39.14 -8.96
CA PHE A 63 9.66 39.97 -7.88
C PHE A 63 10.82 40.81 -8.42
N PRO A 64 10.52 41.90 -9.14
CA PRO A 64 11.59 42.63 -9.84
C PRO A 64 12.67 43.19 -8.91
N TYR A 65 12.35 43.45 -7.65
CA TYR A 65 13.33 44.00 -6.73
C TYR A 65 14.51 43.05 -6.51
N THR A 66 14.31 41.75 -6.76
CA THR A 66 15.39 40.78 -6.56
C THR A 66 16.54 41.00 -7.53
N THR A 67 16.30 41.66 -8.66
CA THR A 67 17.36 42.00 -9.61
C THR A 67 17.75 43.47 -9.57
N GLN A 68 17.09 44.27 -8.74
CA GLN A 68 17.37 45.70 -8.65
C GLN A 68 18.08 46.11 -7.37
N MET A 69 17.72 45.52 -6.23
CA MET A 69 18.33 45.94 -4.98
C MET A 69 19.72 45.32 -4.80
N GLN A 70 20.59 46.07 -4.14
CA GLN A 70 21.91 45.59 -3.79
C GLN A 70 21.86 44.87 -2.45
N GLY A 71 22.87 44.07 -2.19
CA GLY A 71 22.86 43.17 -1.05
C GLY A 71 23.13 41.76 -1.50
N ALA A 72 23.96 41.03 -0.75
CA ALA A 72 24.43 39.74 -1.23
C ALA A 72 23.30 38.74 -1.39
N ASN A 73 22.21 38.90 -0.64
CA ASN A 73 21.09 37.96 -0.70
C ASN A 73 20.23 38.15 -1.95
N PHE A 74 20.45 39.20 -2.73
CA PHE A 74 19.64 39.47 -3.91
C PHE A 74 20.39 39.07 -5.18
N ALA A 75 19.68 39.10 -6.31
CA ALA A 75 20.23 38.65 -7.58
C ALA A 75 20.36 39.80 -8.57
N SER A 76 21.02 40.88 -8.15
CA SER A 76 21.23 42.01 -9.06
C SER A 76 22.41 41.74 -10.00
N ASP A 77 23.46 41.11 -9.48
CA ASP A 77 24.68 40.89 -10.23
C ASP A 77 24.76 39.44 -10.73
N SER A 78 25.90 39.08 -11.33
CA SER A 78 26.07 37.74 -11.88
C SER A 78 26.25 36.69 -10.78
N ARG A 79 26.89 37.06 -9.67
CA ARG A 79 27.07 36.12 -8.57
C ARG A 79 25.73 35.72 -7.97
N GLY A 80 24.82 36.68 -7.80
CA GLY A 80 23.52 36.37 -7.23
C GLY A 80 22.67 35.52 -8.15
N LYS A 81 22.65 35.85 -9.44
CA LYS A 81 21.87 35.07 -10.40
C LYS A 81 22.38 33.63 -10.47
N SER A 82 23.69 33.43 -10.33
CA SER A 82 24.24 32.07 -10.38
C SER A 82 23.91 31.31 -9.10
N LYS A 83 23.93 31.99 -7.95
CA LYS A 83 23.51 31.36 -6.70
C LYS A 83 22.04 30.96 -6.76
N CYS A 84 21.19 31.82 -7.34
CA CYS A 84 19.78 31.50 -7.47
C CYS A 84 19.56 30.26 -8.31
N ALA A 85 20.23 30.18 -9.47
CA ALA A 85 20.07 29.02 -10.33
C ALA A 85 20.62 27.76 -9.68
N ARG A 86 21.71 27.88 -8.93
CA ARG A 86 22.21 26.74 -8.16
C ARG A 86 21.17 26.24 -7.18
N ASP A 87 20.55 27.17 -6.44
CA ASP A 87 19.51 26.80 -5.47
C ASP A 87 18.36 26.07 -6.15
N ILE A 88 17.78 26.68 -7.19
CA ILE A 88 16.68 26.05 -7.91
C ILE A 88 17.10 24.68 -8.43
N GLY A 89 18.36 24.56 -8.87
CA GLY A 89 18.87 23.26 -9.27
C GLY A 89 18.86 22.26 -8.14
N TYR A 90 19.24 22.70 -6.93
CA TYR A 90 19.19 21.83 -5.76
C TYR A 90 17.77 21.31 -5.54
N TYR A 91 16.77 22.20 -5.64
CA TYR A 91 15.38 21.80 -5.44
C TYR A 91 14.96 20.74 -6.46
N LEU A 92 15.17 21.03 -7.75
CA LEU A 92 14.75 20.11 -8.80
C LEU A 92 15.50 18.78 -8.69
N ARG A 93 16.79 18.84 -8.34
CA ARG A 93 17.58 17.62 -8.21
C ARG A 93 16.99 16.68 -7.16
N ILE A 94 16.68 17.22 -5.98
CA ILE A 94 16.12 16.39 -4.92
C ILE A 94 14.68 16.00 -5.23
N ILE A 95 13.98 16.78 -6.05
CA ILE A 95 12.65 16.39 -6.47
C ILE A 95 12.70 15.15 -7.36
N THR A 96 13.66 15.10 -8.29
CA THR A 96 13.84 13.89 -9.08
C THR A 96 14.27 12.71 -8.21
N TYR A 97 15.06 12.97 -7.18
CA TYR A 97 15.38 11.92 -6.21
C TYR A 97 14.11 11.30 -5.66
N SER A 98 13.14 12.13 -5.26
CA SER A 98 11.91 11.61 -4.67
C SER A 98 11.06 10.89 -5.70
N LEU A 99 11.08 11.37 -6.95
CA LEU A 99 10.34 10.69 -8.01
C LEU A 99 10.91 9.30 -8.27
N VAL A 100 12.24 9.16 -8.18
CA VAL A 100 12.87 7.86 -8.34
C VAL A 100 12.53 6.96 -7.16
N ALA A 101 12.58 7.49 -5.95
CA ALA A 101 12.32 6.70 -4.75
C ALA A 101 10.85 6.40 -4.53
N GLY A 102 9.95 7.08 -5.22
CA GLY A 102 8.53 6.82 -5.06
C GLY A 102 7.95 7.33 -3.76
N GLY A 103 8.60 8.29 -3.11
CA GLY A 103 8.11 8.83 -1.86
C GLY A 103 8.84 10.12 -1.52
N THR A 104 8.37 10.76 -0.45
CA THR A 104 8.91 12.04 -0.02
C THR A 104 10.24 11.92 0.72
N GLY A 105 10.73 10.70 0.94
CA GLY A 105 11.95 10.46 1.69
C GLY A 105 13.09 11.40 1.38
N PRO A 106 13.55 11.41 0.12
CA PRO A 106 14.67 12.31 -0.24
C PRO A 106 14.37 13.78 0.01
N LEU A 107 13.17 14.24 -0.30
CA LEU A 107 12.82 15.64 -0.06
C LEU A 107 12.86 15.97 1.43
N ASP A 108 12.38 15.05 2.27
CA ASP A 108 12.38 15.28 3.71
C ASP A 108 13.80 15.31 4.26
N GLU A 109 14.66 14.42 3.78
CA GLU A 109 16.00 14.24 4.35
C GLU A 109 17.03 15.19 3.75
N TYR A 110 16.97 15.43 2.44
CA TYR A 110 18.03 16.17 1.75
C TYR A 110 17.72 17.65 1.58
N LEU A 111 16.45 18.06 1.65
CA LEU A 111 16.07 19.43 1.32
C LEU A 111 15.35 20.13 2.46
N ILE A 112 14.25 19.56 2.96
CA ILE A 112 13.39 20.31 3.88
C ILE A 112 14.03 20.43 5.26
N ALA A 113 14.76 19.40 5.70
CA ALA A 113 15.40 19.44 7.01
C ALA A 113 16.42 20.58 7.06
N GLY A 114 16.20 21.53 7.95
CA GLY A 114 17.07 22.68 8.09
C GLY A 114 16.87 23.77 7.05
N LEU A 115 15.96 23.57 6.09
CA LEU A 115 15.77 24.55 5.04
C LEU A 115 15.28 25.88 5.60
N ASP A 116 14.46 25.84 6.65
CA ASP A 116 13.85 27.06 7.17
C ASP A 116 14.88 27.97 7.82
N GLU A 117 15.86 27.39 8.53
CA GLU A 117 16.89 28.21 9.16
C GLU A 117 18.00 28.61 8.19
N ILE A 118 18.21 27.84 7.11
CA ILE A 118 19.10 28.29 6.05
C ILE A 118 18.54 29.55 5.40
N ASN A 119 17.26 29.50 5.02
CA ASN A 119 16.62 30.65 4.38
C ASN A 119 16.59 31.85 5.32
N ARG A 120 16.33 31.60 6.62
CA ARG A 120 16.25 32.69 7.58
C ARG A 120 17.61 33.35 7.78
N THR A 121 18.68 32.55 7.82
CA THR A 121 20.00 33.11 8.10
C THR A 121 20.49 33.98 6.94
N PHE A 122 20.24 33.55 5.70
CA PHE A 122 20.73 34.26 4.53
C PHE A 122 19.68 35.15 3.88
N ASP A 123 18.55 35.36 4.56
CA ASP A 123 17.53 36.33 4.14
C ASP A 123 16.97 35.98 2.75
N LEU A 124 16.72 34.69 2.54
CA LEU A 124 16.13 34.21 1.30
C LEU A 124 14.63 33.99 1.51
N SER A 125 13.81 34.67 0.74
CA SER A 125 12.36 34.60 0.93
CA SER A 125 12.36 34.60 0.92
C SER A 125 11.83 33.29 0.37
N PRO A 126 11.04 32.54 1.15
CA PRO A 126 10.47 31.29 0.63
C PRO A 126 9.56 31.50 -0.58
N SER A 127 8.94 32.67 -0.71
CA SER A 127 8.05 32.91 -1.83
C SER A 127 8.78 32.99 -3.16
N TRP A 128 10.08 33.29 -3.15
CA TRP A 128 10.87 33.20 -4.36
C TRP A 128 10.86 31.77 -4.90
N TYR A 129 11.21 30.81 -4.05
CA TYR A 129 11.31 29.42 -4.50
C TYR A 129 9.95 28.82 -4.80
N VAL A 130 8.90 29.28 -4.13
CA VAL A 130 7.56 28.83 -4.48
C VAL A 130 7.23 29.22 -5.92
N GLU A 131 7.60 30.44 -6.31
CA GLU A 131 7.37 30.88 -7.69
C GLU A 131 8.21 30.06 -8.67
N ALA A 132 9.47 29.76 -8.32
CA ALA A 132 10.30 28.95 -9.20
C ALA A 132 9.74 27.54 -9.36
N LEU A 133 9.22 26.96 -8.28
CA LEU A 133 8.59 25.65 -8.36
C LEU A 133 7.29 25.72 -9.13
N LYS A 134 6.57 26.84 -9.04
CA LYS A 134 5.34 27.00 -9.81
C LYS A 134 5.63 27.04 -11.30
N TYR A 135 6.75 27.65 -11.69
CA TYR A 135 7.12 27.68 -13.10
C TYR A 135 7.48 26.29 -13.59
N ILE A 136 8.35 25.59 -12.86
CA ILE A 136 8.74 24.24 -13.24
C ILE A 136 7.52 23.34 -13.38
N LYS A 137 6.54 23.51 -12.48
CA LYS A 137 5.32 22.71 -12.55
C LYS A 137 4.52 23.00 -13.81
N ALA A 138 4.54 24.24 -14.28
CA ALA A 138 3.76 24.64 -15.45
C ALA A 138 4.55 24.55 -16.75
N ASN A 139 5.80 24.11 -16.72
CA ASN A 139 6.65 24.09 -17.91
C ASN A 139 7.43 22.80 -18.08
N HIS A 140 7.12 21.75 -17.33
CA HIS A 140 7.85 20.50 -17.49
C HIS A 140 7.42 19.72 -18.73
N GLY A 141 6.33 20.12 -19.37
CA GLY A 141 5.91 19.46 -20.60
C GLY A 141 5.48 18.02 -20.43
N LEU A 142 4.86 17.69 -19.31
CA LEU A 142 4.36 16.35 -19.05
C LEU A 142 2.84 16.35 -19.08
N SER A 143 2.27 15.17 -19.31
CA SER A 143 0.83 15.00 -19.34
C SER A 143 0.46 13.71 -18.63
N GLY A 144 -0.83 13.55 -18.34
CA GLY A 144 -1.31 12.31 -17.77
C GLY A 144 -0.81 12.11 -16.35
N GLN A 145 -0.40 10.87 -16.06
CA GLN A 145 0.02 10.52 -14.71
C GLN A 145 1.46 10.90 -14.43
N ALA A 146 2.29 11.02 -15.47
CA ALA A 146 3.64 11.51 -15.25
C ALA A 146 3.62 12.97 -14.80
N ALA A 147 2.72 13.76 -15.37
CA ALA A 147 2.54 15.13 -14.91
C ALA A 147 2.02 15.16 -13.48
N ASN A 148 1.12 14.24 -13.15
CA ASN A 148 0.56 14.19 -11.80
C ASN A 148 1.63 13.78 -10.78
N GLU A 149 2.51 12.84 -11.15
CA GLU A 149 3.59 12.46 -10.25
C GLU A 149 4.54 13.62 -10.02
N ALA A 150 4.97 14.29 -11.09
CA ALA A 150 5.82 15.47 -10.95
C ALA A 150 5.14 16.52 -10.08
N ASN A 151 3.87 16.81 -10.37
CA ASN A 151 3.14 17.84 -9.63
C ASN A 151 2.99 17.48 -8.16
N THR A 152 2.89 16.18 -7.84
CA THR A 152 2.73 15.77 -6.46
C THR A 152 3.95 16.18 -5.62
N TYR A 153 5.15 15.95 -6.16
CA TYR A 153 6.35 16.23 -5.39
C TYR A 153 6.78 17.69 -5.51
N ILE A 154 6.46 18.35 -6.62
CA ILE A 154 6.69 19.79 -6.70
C ILE A 154 5.79 20.52 -5.70
N ASP A 155 4.50 20.12 -5.63
CA ASP A 155 3.61 20.70 -4.63
C ASP A 155 4.05 20.36 -3.22
N TYR A 156 4.65 19.18 -3.02
CA TYR A 156 5.16 18.83 -1.70
C TYR A 156 6.24 19.79 -1.25
N ALA A 157 7.16 20.15 -2.16
CA ALA A 157 8.20 21.11 -1.83
C ALA A 157 7.60 22.51 -1.65
N ILE A 158 6.59 22.85 -2.45
CA ILE A 158 5.92 24.15 -2.29
C ILE A 158 5.28 24.23 -0.91
N ASN A 159 4.62 23.16 -0.47
CA ASN A 159 3.94 23.17 0.82
C ASN A 159 4.93 23.21 1.97
N ALA A 160 6.14 22.66 1.77
CA ALA A 160 7.16 22.71 2.80
C ALA A 160 7.69 24.13 2.99
N LEU A 161 7.54 24.99 1.99
CA LEU A 161 7.94 26.38 2.09
C LEU A 161 6.84 27.27 2.63
N SER A 162 5.62 26.76 2.72
CA SER A 162 4.47 27.54 3.16
C SER A 162 3.99 27.08 4.53
N MET B 1 17.46 0.20 5.93
CA MET B 1 17.64 -0.62 4.75
C MET B 1 17.40 0.20 3.48
N LEU B 2 17.86 -0.32 2.35
CA LEU B 2 17.72 0.34 1.06
C LEU B 2 17.09 -0.61 0.05
N ASP B 3 16.22 -0.07 -0.80
CA ASP B 3 15.76 -0.80 -1.96
C ASP B 3 16.64 -0.41 -3.15
N ALA B 4 16.27 -0.86 -4.35
CA ALA B 4 17.09 -0.58 -5.53
C ALA B 4 17.17 0.91 -5.81
N PHE B 5 16.07 1.63 -5.62
CA PHE B 5 16.02 3.04 -5.97
C PHE B 5 16.71 3.91 -4.93
N ALA B 6 16.56 3.57 -3.64
CA ALA B 6 17.20 4.37 -2.59
C ALA B 6 18.71 4.26 -2.64
N LYS B 7 19.25 3.12 -3.06
CA LYS B 7 20.70 2.97 -3.17
C LYS B 7 21.27 3.92 -4.22
N VAL B 8 20.62 4.01 -5.38
CA VAL B 8 21.08 4.91 -6.43
C VAL B 8 20.89 6.35 -6.00
N VAL B 9 19.75 6.66 -5.38
CA VAL B 9 19.48 8.04 -4.95
C VAL B 9 20.48 8.47 -3.89
N SER B 10 20.82 7.57 -2.96
CA SER B 10 21.76 7.93 -1.90
CA SER B 10 21.76 7.92 -1.90
C SER B 10 23.16 8.15 -2.44
N GLN B 11 23.55 7.42 -3.49
CA GLN B 11 24.87 7.63 -4.08
C GLN B 11 24.91 8.91 -4.92
N ALA B 12 23.81 9.25 -5.56
CA ALA B 12 23.75 10.51 -6.31
C ALA B 12 23.70 11.71 -5.38
N ASP B 13 23.08 11.57 -4.21
CA ASP B 13 23.09 12.65 -3.23
C ASP B 13 24.49 12.87 -2.67
N THR B 14 25.24 11.79 -2.46
CA THR B 14 26.63 11.92 -2.03
C THR B 14 27.44 12.66 -3.07
N LYS B 15 27.22 12.35 -4.35
CA LYS B 15 27.93 13.04 -5.42
C LYS B 15 27.32 14.40 -5.73
N GLY B 16 26.11 14.66 -5.27
CA GLY B 16 25.47 15.95 -5.49
C GLY B 16 25.04 16.22 -6.91
N GLU B 17 24.78 15.17 -7.70
CA GLU B 17 24.45 15.28 -9.10
CA GLU B 17 24.43 15.32 -9.10
C GLU B 17 23.09 14.67 -9.37
N PHE B 18 22.49 15.05 -10.51
CA PHE B 18 21.32 14.35 -10.99
C PHE B 18 21.70 12.91 -11.34
N LEU B 19 20.69 12.06 -11.49
CA LEU B 19 20.95 10.71 -11.91
C LEU B 19 21.25 10.67 -13.40
N SER B 20 22.24 9.87 -13.80
CA SER B 20 22.62 9.76 -15.20
C SER B 20 21.59 8.94 -15.97
N SER B 21 21.74 8.90 -17.30
CA SER B 21 20.86 8.08 -18.11
C SER B 21 21.06 6.59 -17.83
N ALA B 22 22.30 6.19 -17.51
CA ALA B 22 22.57 4.79 -17.20
C ALA B 22 21.83 4.36 -15.94
N GLN B 23 21.86 5.19 -14.91
CA GLN B 23 21.12 4.90 -13.68
C GLN B 23 19.61 4.92 -13.91
N LEU B 24 19.10 5.91 -14.67
CA LEU B 24 17.68 5.92 -15.01
C LEU B 24 17.28 4.68 -15.79
N ASP B 25 18.15 4.22 -16.68
CA ASP B 25 17.82 3.03 -17.47
C ASP B 25 17.77 1.79 -16.59
N ALA B 26 18.74 1.64 -15.70
CA ALA B 26 18.78 0.47 -14.83
C ALA B 26 17.56 0.42 -13.90
N LEU B 27 17.19 1.58 -13.35
CA LEU B 27 16.03 1.61 -12.45
C LEU B 27 14.71 1.48 -13.22
N SER B 28 14.66 1.97 -14.46
CA SER B 28 13.49 1.74 -15.29
C SER B 28 13.34 0.26 -15.63
N ASN B 29 14.47 -0.46 -15.78
CA ASN B 29 14.40 -1.89 -16.03
C ASN B 29 13.84 -2.63 -14.82
N VAL B 30 14.24 -2.21 -13.62
CA VAL B 30 13.70 -2.82 -12.41
C VAL B 30 12.18 -2.60 -12.34
N VAL B 31 11.72 -1.43 -12.78
CA VAL B 31 10.29 -1.14 -12.75
C VAL B 31 9.54 -2.02 -13.74
N LYS B 32 10.11 -2.24 -14.93
CA LYS B 32 9.44 -3.06 -15.93
C LYS B 32 9.41 -4.53 -15.54
N ASP B 33 10.27 -4.96 -14.62
CA ASP B 33 10.24 -6.30 -14.05
C ASP B 33 9.47 -6.35 -12.73
N GLY B 34 8.60 -5.37 -12.47
CA GLY B 34 7.96 -5.29 -11.17
C GLY B 34 6.96 -6.42 -10.94
N SER B 35 6.12 -6.71 -11.95
CA SER B 35 5.16 -7.78 -11.81
C SER B 35 5.84 -9.14 -11.72
N LYS B 36 6.99 -9.29 -12.38
CA LYS B 36 7.77 -10.52 -12.27
C LYS B 36 8.38 -10.65 -10.87
N ARG B 37 8.84 -9.53 -10.31
CA ARG B 37 9.37 -9.53 -8.95
C ARG B 37 8.31 -9.94 -7.94
N LEU B 38 7.08 -9.45 -8.12
CA LEU B 38 6.01 -9.81 -7.21
C LEU B 38 5.66 -11.29 -7.33
N ASP B 39 5.70 -11.84 -8.55
CA ASP B 39 5.46 -13.27 -8.74
C ASP B 39 6.50 -14.10 -8.02
N ALA B 40 7.77 -13.71 -8.11
CA ALA B 40 8.83 -14.47 -7.44
C ALA B 40 8.65 -14.45 -5.93
N VAL B 41 8.36 -13.28 -5.37
CA VAL B 41 8.14 -13.18 -3.93
C VAL B 41 6.90 -13.95 -3.52
N ASN B 42 5.81 -13.82 -4.28
CA ASN B 42 4.57 -14.51 -3.95
C ASN B 42 4.73 -16.02 -4.03
N ARG B 43 5.50 -16.50 -5.01
CA ARG B 43 5.69 -17.94 -5.15
C ARG B 43 6.65 -18.49 -4.10
N MET B 44 7.66 -17.71 -3.71
CA MET B 44 8.57 -18.15 -2.68
C MET B 44 7.92 -18.09 -1.30
N THR B 45 6.93 -17.22 -1.12
CA THR B 45 6.26 -17.10 0.17
C THR B 45 5.20 -18.18 0.35
N SER B 46 4.29 -18.32 -0.62
CA SER B 46 3.21 -19.29 -0.49
C SER B 46 3.69 -20.73 -0.59
N ASN B 47 4.92 -20.97 -1.06
CA ASN B 47 5.51 -22.30 -1.10
C ASN B 47 6.67 -22.44 -0.11
N ALA B 48 6.69 -21.61 0.94
CA ALA B 48 7.82 -21.59 1.85
C ALA B 48 7.99 -22.93 2.55
N SER B 49 6.88 -23.58 2.91
CA SER B 49 6.96 -24.90 3.53
C SER B 49 7.54 -25.93 2.57
N THR B 50 7.09 -25.90 1.30
CA THR B 50 7.61 -26.82 0.30
C THR B 50 9.10 -26.60 0.09
N ILE B 51 9.55 -25.35 0.06
CA ILE B 51 10.95 -25.05 -0.17
C ILE B 51 11.80 -25.57 0.97
N VAL B 52 11.43 -25.25 2.20
CA VAL B 52 12.20 -25.70 3.36
C VAL B 52 12.18 -27.23 3.45
N ALA B 53 11.05 -27.84 3.14
CA ALA B 53 10.95 -29.30 3.20
C ALA B 53 11.86 -29.95 2.17
N ASN B 54 11.84 -29.45 0.93
CA ASN B 54 12.67 -30.02 -0.12
C ASN B 54 14.15 -29.89 0.21
N ALA B 55 14.56 -28.72 0.70
CA ALA B 55 15.95 -28.52 1.05
C ALA B 55 16.36 -29.39 2.23
N ALA B 56 15.51 -29.45 3.27
CA ALA B 56 15.81 -30.28 4.43
C ALA B 56 15.91 -31.75 4.04
N ARG B 57 14.98 -32.22 3.20
CA ARG B 57 14.99 -33.61 2.76
C ARG B 57 16.32 -33.97 2.10
N SER B 58 16.76 -33.14 1.15
CA SER B 58 18.00 -33.44 0.44
C SER B 58 19.22 -33.31 1.33
N LEU B 59 19.18 -32.37 2.30
CA LEU B 59 20.29 -32.25 3.24
C LEU B 59 20.40 -33.49 4.12
N PHE B 60 19.26 -34.01 4.58
CA PHE B 60 19.27 -35.19 5.43
C PHE B 60 19.51 -36.48 4.67
N GLU B 61 19.34 -36.47 3.35
CA GLU B 61 19.75 -37.62 2.54
C GLU B 61 21.27 -37.63 2.36
N GLU B 62 21.88 -36.45 2.25
CA GLU B 62 23.32 -36.37 2.03
C GLU B 62 24.10 -36.51 3.33
N GLN B 63 23.61 -35.90 4.41
CA GLN B 63 24.20 -36.00 5.74
C GLN B 63 23.19 -36.67 6.66
N PRO B 64 23.05 -38.00 6.58
CA PRO B 64 22.00 -38.68 7.36
C PRO B 64 22.26 -38.68 8.85
N GLN B 65 23.49 -38.46 9.29
CA GLN B 65 23.79 -38.40 10.72
C GLN B 65 23.16 -37.20 11.41
N LEU B 66 22.65 -36.22 10.65
CA LEU B 66 22.01 -35.08 11.27
C LEU B 66 20.67 -35.47 11.90
N ILE B 67 19.98 -36.45 11.32
CA ILE B 67 18.71 -36.92 11.86
C ILE B 67 18.87 -38.28 12.55
N GLN B 68 20.09 -38.65 12.90
CA GLN B 68 20.41 -39.85 13.65
C GLN B 68 20.74 -39.48 15.10
N PRO B 69 20.58 -40.41 16.04
CA PRO B 69 20.88 -40.11 17.44
C PRO B 69 22.29 -39.53 17.60
N GLY B 70 22.35 -38.36 18.23
CA GLY B 70 23.57 -37.60 18.35
C GLY B 70 23.66 -36.42 17.41
N GLY B 71 22.91 -36.43 16.32
CA GLY B 71 22.97 -35.37 15.32
C GLY B 71 22.50 -34.01 15.81
N MEN B 72 22.94 -32.97 15.13
CA MEN B 72 22.63 -31.61 15.51
C MEN B 72 21.20 -31.25 15.14
O MEN B 72 20.64 -30.20 15.49
CB MEN B 72 23.55 -30.55 14.89
CG MEN B 72 23.50 -29.25 15.68
OD1 MEN B 72 23.40 -28.16 15.08
ND2 MEN B 72 23.56 -29.31 17.05
CE2 MEN B 72 23.52 -28.17 17.90
N ALA B 73 20.55 -32.14 14.38
CA ALA B 73 19.17 -31.93 13.98
C ALA B 73 18.27 -33.05 14.50
N TYR B 74 18.85 -33.98 15.25
CA TYR B 74 18.05 -35.02 15.90
C TYR B 74 17.33 -34.44 17.12
N THR B 75 16.29 -35.14 17.54
CA THR B 75 15.32 -34.76 18.58
C THR B 75 14.37 -33.69 18.04
N ASN B 76 13.19 -33.58 18.67
CA ASN B 76 12.19 -32.62 18.23
C ASN B 76 12.70 -31.19 18.40
N ARG B 77 13.43 -30.92 19.47
CA ARG B 77 13.87 -29.57 19.78
CA ARG B 77 13.86 -29.56 19.77
C ARG B 77 14.80 -29.02 18.70
N ARG B 78 15.77 -29.83 18.28
CA ARG B 78 16.74 -29.36 17.29
C ARG B 78 16.19 -29.39 15.87
N MET B 79 15.31 -30.34 15.55
CA MET B 79 14.73 -30.36 14.22
C MET B 79 13.85 -29.15 13.98
N ALA B 80 13.03 -28.78 14.97
CA ALA B 80 12.18 -27.61 14.84
C ALA B 80 13.00 -26.33 14.76
N ALA B 81 14.13 -26.26 15.48
CA ALA B 81 14.98 -25.08 15.39
C ALA B 81 15.68 -25.01 14.05
N CYS B 82 16.07 -26.16 13.50
CA CYS B 82 16.66 -26.18 12.17
C CYS B 82 15.68 -25.68 11.12
N LEU B 83 14.44 -26.18 11.16
CA LEU B 83 13.43 -25.72 10.22
C LEU B 83 13.12 -24.24 10.41
N ARG B 84 13.12 -23.78 11.67
CA ARG B 84 12.91 -22.36 11.92
CA ARG B 84 12.91 -22.35 11.93
C ARG B 84 14.02 -21.52 11.30
N ASP B 85 15.26 -21.98 11.41
CA ASP B 85 16.38 -21.27 10.79
C ASP B 85 16.23 -21.22 9.28
N MET B 86 15.79 -22.33 8.67
CA MET B 86 15.57 -22.35 7.23
C MET B 86 14.52 -21.32 6.84
N GLU B 87 13.39 -21.31 7.52
CA GLU B 87 12.32 -20.36 7.22
C GLU B 87 12.80 -18.92 7.33
N ILE B 88 13.61 -18.63 8.35
CA ILE B 88 14.06 -17.26 8.59
C ILE B 88 14.94 -16.78 7.44
N ILE B 89 15.89 -17.62 7.01
CA ILE B 89 16.78 -17.23 5.92
C ILE B 89 16.00 -17.04 4.62
N LEU B 90 15.06 -17.94 4.34
CA LEU B 90 14.21 -17.77 3.17
C LEU B 90 13.38 -16.50 3.26
N ARG B 91 12.90 -16.19 4.47
CA ARG B 91 12.10 -14.97 4.64
C ARG B 91 12.89 -13.72 4.29
N TYR B 92 14.16 -13.67 4.72
CA TYR B 92 14.96 -12.48 4.44
C TYR B 92 15.40 -12.43 2.98
N VAL B 93 15.49 -13.58 2.32
CA VAL B 93 15.78 -13.58 0.88
C VAL B 93 14.60 -13.00 0.11
N THR B 94 13.38 -13.28 0.54
CA THR B 94 12.22 -12.67 -0.10
C THR B 94 12.16 -11.17 0.17
N TYR B 95 12.60 -10.73 1.35
CA TYR B 95 12.73 -9.30 1.60
C TYR B 95 13.66 -8.66 0.58
N ALA B 96 14.84 -9.25 0.39
CA ALA B 96 15.79 -8.73 -0.59
C ALA B 96 15.23 -8.79 -1.99
N THR B 97 14.54 -9.88 -2.33
CA THR B 97 13.95 -10.01 -3.66
C THR B 97 12.95 -8.89 -3.93
N LEU B 98 12.13 -8.55 -2.93
CA LEU B 98 11.19 -7.44 -3.11
C LEU B 98 11.93 -6.11 -3.21
N ALA B 99 12.88 -5.88 -2.29
CA ALA B 99 13.63 -4.63 -2.29
C ALA B 99 14.53 -4.48 -3.49
N GLY B 100 14.92 -5.59 -4.14
CA GLY B 100 15.92 -5.50 -5.17
C GLY B 100 17.29 -5.11 -4.65
N ASP B 101 17.54 -5.32 -3.37
CA ASP B 101 18.82 -4.97 -2.76
C ASP B 101 18.99 -5.83 -1.51
N SER B 102 20.20 -6.33 -1.31
CA SER B 102 20.49 -7.27 -0.23
C SER B 102 20.81 -6.57 1.09
N SER B 103 20.54 -5.27 1.22
CA SER B 103 20.91 -4.55 2.44
C SER B 103 20.14 -5.10 3.64
N VAL B 104 18.84 -5.36 3.49
CA VAL B 104 18.06 -5.88 4.60
C VAL B 104 18.53 -7.28 4.97
N LEU B 105 18.94 -8.08 3.99
CA LEU B 105 19.38 -9.43 4.27
C LEU B 105 20.71 -9.44 5.01
N ASP B 106 21.63 -8.55 4.64
CA ASP B 106 22.93 -8.52 5.29
C ASP B 106 22.85 -7.91 6.69
N ASP B 107 22.08 -6.83 6.84
CA ASP B 107 22.08 -6.09 8.10
C ASP B 107 21.35 -6.85 9.20
N ARG B 108 20.20 -7.45 8.87
CA ARG B 108 19.30 -7.98 9.88
C ARG B 108 19.31 -9.50 10.01
N CYS B 109 20.05 -10.21 9.15
CA CYS B 109 20.04 -11.66 9.20
C CYS B 109 21.44 -12.25 9.13
N LEU B 110 22.23 -11.81 8.15
CA LEU B 110 23.52 -12.44 7.88
C LEU B 110 24.62 -11.92 8.79
N ASN B 111 24.53 -10.68 9.24
CA ASN B 111 25.60 -10.07 10.03
C ASN B 111 25.75 -10.79 11.35
N GLY B 112 26.93 -11.37 11.58
CA GLY B 112 27.20 -12.07 12.81
C GLY B 112 26.57 -13.44 12.94
N LEU B 113 26.03 -13.99 11.85
CA LEU B 113 25.35 -15.28 11.94
C LEU B 113 26.36 -16.42 12.09
N ARG B 114 27.51 -16.31 11.44
CA ARG B 114 28.55 -17.34 11.59
C ARG B 114 29.06 -17.40 13.02
N GLU B 115 29.21 -16.23 13.66
CA GLU B 115 29.73 -16.20 15.03
C GLU B 115 28.76 -16.84 16.00
N THR B 116 27.46 -16.54 15.88
CA THR B 116 26.48 -17.21 16.72
C THR B 116 26.44 -18.70 16.44
N TYR B 117 26.36 -19.08 15.15
CA TYR B 117 26.34 -20.49 14.79
C TYR B 117 27.53 -21.25 15.36
N GLN B 118 28.71 -20.61 15.38
CA GLN B 118 29.87 -21.25 15.98
C GLN B 118 29.71 -21.38 17.49
N ALA B 119 29.07 -20.40 18.13
CA ALA B 119 28.86 -20.46 19.57
C ALA B 119 27.89 -21.58 19.94
N LEU B 120 26.73 -21.64 19.30
CA LEU B 120 25.78 -22.72 19.56
C LEU B 120 26.27 -24.08 19.06
N GLY B 121 27.41 -24.15 18.39
CA GLY B 121 27.91 -25.42 17.90
C GLY B 121 27.11 -26.01 16.76
N VAL B 122 26.51 -25.16 15.93
CA VAL B 122 25.75 -25.61 14.76
C VAL B 122 26.70 -25.71 13.58
N PRO B 123 26.72 -26.82 12.85
CA PRO B 123 27.63 -26.94 11.70
C PRO B 123 27.31 -25.92 10.61
N GLY B 124 28.10 -24.85 10.54
CA GLY B 124 27.84 -23.81 9.57
C GLY B 124 27.90 -24.29 8.14
N GLY B 125 28.75 -25.28 7.87
CA GLY B 125 28.81 -25.83 6.52
C GLY B 125 27.53 -26.52 6.11
N SER B 126 26.90 -27.25 7.04
CA SER B 126 25.64 -27.90 6.74
C SER B 126 24.52 -26.89 6.55
N VAL B 127 24.56 -25.77 7.28
CA VAL B 127 23.57 -24.72 7.07
C VAL B 127 23.74 -24.12 5.67
N ALA B 128 24.98 -23.84 5.28
CA ALA B 128 25.25 -23.34 3.94
C ALA B 128 24.82 -24.33 2.87
N ALA B 129 24.93 -25.63 3.16
CA ALA B 129 24.45 -26.65 2.23
C ALA B 129 22.95 -26.55 2.07
N GLY B 130 22.21 -26.56 3.18
CA GLY B 130 20.76 -26.46 3.11
C GLY B 130 20.29 -25.17 2.47
N VAL B 131 21.03 -24.07 2.66
CA VAL B 131 20.68 -22.81 2.01
C VAL B 131 20.79 -22.95 0.49
N ALA B 132 21.86 -23.60 0.02
CA ALA B 132 22.00 -23.84 -1.41
C ALA B 132 20.92 -24.76 -1.93
N LYS B 133 20.41 -25.66 -1.07
CA LYS B 133 19.31 -26.53 -1.47
C LYS B 133 18.00 -25.75 -1.56
N MET B 134 17.81 -24.77 -0.67
CA MET B 134 16.65 -23.89 -0.77
C MET B 134 16.68 -23.14 -2.08
N LYS B 135 17.85 -22.65 -2.48
CA LYS B 135 17.98 -21.90 -3.72
C LYS B 135 17.45 -22.72 -4.90
N ASP B 136 17.88 -23.99 -4.98
CA ASP B 136 17.43 -24.84 -6.06
C ASP B 136 15.93 -25.07 -6.00
N ALA B 137 15.42 -25.33 -4.79
CA ALA B 137 13.98 -25.57 -4.64
C ALA B 137 13.17 -24.30 -4.87
N ALA B 138 13.69 -23.15 -4.40
CA ALA B 138 12.97 -21.90 -4.59
C ALA B 138 12.97 -21.47 -6.06
N ILE B 139 14.12 -21.62 -6.74
CA ILE B 139 14.22 -21.20 -8.13
C ILE B 139 13.37 -22.09 -9.02
N ALA B 140 13.34 -23.40 -8.74
CA ALA B 140 12.47 -24.29 -9.50
C ALA B 140 11.01 -23.89 -9.36
N ILE B 141 10.61 -23.48 -8.15
CA ILE B 141 9.23 -23.04 -7.94
C ILE B 141 8.97 -21.71 -8.65
N VAL B 142 9.94 -20.79 -8.61
CA VAL B 142 9.78 -19.51 -9.29
C VAL B 142 9.70 -19.71 -10.79
N ASN B 143 10.54 -20.59 -11.34
CA ASN B 143 10.64 -20.79 -12.78
C ASN B 143 9.53 -21.64 -13.35
N ASP B 144 8.63 -22.17 -12.53
CA ASP B 144 7.55 -23.02 -12.99
C ASP B 144 6.67 -22.27 -13.99
N PRO B 145 6.63 -22.69 -15.25
CA PRO B 145 5.81 -21.97 -16.24
C PRO B 145 4.32 -22.28 -16.16
N ASN B 146 3.88 -23.06 -15.18
CA ASN B 146 2.47 -23.40 -15.05
C ASN B 146 1.69 -22.24 -14.47
N GLY B 147 0.54 -21.95 -15.08
CA GLY B 147 -0.39 -20.97 -14.54
C GLY B 147 0.14 -19.55 -14.48
N ILE B 148 1.04 -19.19 -15.40
CA ILE B 148 1.64 -17.86 -15.39
C ILE B 148 1.96 -17.48 -16.84
N THR B 149 2.02 -16.18 -17.09
CA THR B 149 2.33 -15.67 -18.42
C THR B 149 3.79 -15.97 -18.78
N LYS B 150 4.00 -16.54 -19.97
CA LYS B 150 5.34 -16.92 -20.37
C LYS B 150 6.22 -15.69 -20.60
N GLY B 151 7.47 -15.77 -20.15
CA GLY B 151 8.41 -14.69 -20.32
C GLY B 151 9.73 -15.05 -19.71
N ASP B 152 10.73 -14.20 -19.96
CA ASP B 152 12.08 -14.41 -19.47
C ASP B 152 12.22 -13.83 -18.08
N CYS B 153 12.62 -14.68 -17.12
CA CYS B 153 12.87 -14.26 -15.74
C CYS B 153 14.30 -14.55 -15.31
N SER B 154 15.22 -14.69 -16.27
CA SER B 154 16.57 -15.15 -15.95
C SER B 154 17.35 -14.11 -15.13
N ALA B 155 17.17 -12.83 -15.43
CA ALA B 155 17.84 -11.80 -14.65
C ALA B 155 17.33 -11.79 -13.22
N LEU B 156 16.01 -11.89 -13.04
CA LEU B 156 15.43 -11.95 -11.70
C LEU B 156 15.91 -13.19 -10.95
N VAL B 157 15.90 -14.34 -11.63
CA VAL B 157 16.33 -15.59 -10.99
C VAL B 157 17.81 -15.52 -10.61
N SER B 158 18.63 -14.92 -11.49
CA SER B 158 20.05 -14.76 -11.17
CA SER B 158 20.05 -14.76 -11.17
C SER B 158 20.24 -13.85 -9.96
N GLU B 159 19.41 -12.81 -9.85
CA GLU B 159 19.48 -11.93 -8.69
C GLU B 159 19.09 -12.68 -7.42
N ILE B 160 18.00 -13.46 -7.48
CA ILE B 160 17.57 -14.24 -6.33
C ILE B 160 18.63 -15.26 -5.94
N ALA B 161 19.24 -15.91 -6.94
CA ALA B 161 20.31 -16.87 -6.66
C ALA B 161 21.48 -16.19 -5.97
N SER B 162 21.78 -14.95 -6.34
CA SER B 162 22.86 -14.22 -5.69
C SER B 162 22.55 -13.97 -4.21
N TYR B 163 21.28 -13.71 -3.90
CA TYR B 163 20.90 -13.53 -2.50
C TYR B 163 21.09 -14.81 -1.70
N PHE B 164 20.73 -15.95 -2.29
CA PHE B 164 20.93 -17.23 -1.61
C PHE B 164 22.42 -17.53 -1.44
N ASP B 165 23.23 -17.21 -2.46
CA ASP B 165 24.67 -17.40 -2.34
C ASP B 165 25.27 -16.48 -1.28
N ARG B 166 24.71 -15.28 -1.12
CA ARG B 166 25.18 -14.40 -0.06
C ARG B 166 24.92 -15.02 1.31
N ALA B 167 23.71 -15.59 1.49
CA ALA B 167 23.39 -16.23 2.76
C ALA B 167 24.25 -17.46 3.00
N ALA B 168 24.44 -18.29 1.97
CA ALA B 168 25.26 -19.49 2.11
C ALA B 168 26.69 -19.12 2.48
N ALA B 169 27.26 -18.13 1.80
CA ALA B 169 28.64 -17.74 2.07
C ALA B 169 28.81 -17.06 3.43
N ALA B 170 27.72 -16.57 4.02
CA ALA B 170 27.79 -15.90 5.31
C ALA B 170 27.92 -16.87 6.48
N VAL B 171 27.78 -18.18 6.25
CA VAL B 171 27.83 -19.16 7.33
C VAL B 171 28.75 -20.32 6.96
N ALA B 172 29.15 -20.37 5.69
CA ALA B 172 29.98 -21.49 5.21
C ALA B 172 31.39 -21.45 5.82
N MET C 1 -14.23 -3.50 10.62
CA MET C 1 -13.65 -4.46 9.69
C MET C 1 -12.31 -3.96 9.14
N LYS C 2 -11.35 -4.87 9.06
CA LYS C 2 -10.01 -4.55 8.56
C LYS C 2 -9.94 -4.85 7.07
N THR C 3 -9.77 -3.80 6.27
CA THR C 3 -9.52 -3.89 4.84
C THR C 3 -8.35 -2.98 4.52
N PRO C 4 -7.67 -3.20 3.37
CA PRO C 4 -6.57 -2.29 3.01
C PRO C 4 -6.96 -0.82 3.01
N ILE C 5 -8.21 -0.49 2.68
CA ILE C 5 -8.63 0.90 2.68
C ILE C 5 -8.78 1.41 4.11
N THR C 6 -9.47 0.63 4.96
CA THR C 6 -9.64 1.05 6.35
C THR C 6 -8.32 1.09 7.11
N GLU C 7 -7.36 0.25 6.73
CA GLU C 7 -6.05 0.31 7.36
C GLU C 7 -5.34 1.62 7.03
N ALA C 8 -5.39 2.04 5.76
CA ALA C 8 -4.75 3.29 5.37
C ALA C 8 -5.43 4.49 6.01
N ILE C 9 -6.77 4.49 6.04
CA ILE C 9 -7.49 5.61 6.65
C ILE C 9 -7.19 5.67 8.15
N ALA C 10 -7.14 4.52 8.81
CA ALA C 10 -6.84 4.50 10.24
C ALA C 10 -5.43 5.01 10.52
N ALA C 11 -4.48 4.70 9.63
CA ALA C 11 -3.12 5.21 9.79
C ALA C 11 -3.09 6.73 9.68
N ALA C 12 -3.79 7.29 8.69
CA ALA C 12 -3.83 8.74 8.54
C ALA C 12 -4.54 9.39 9.72
N ASP C 13 -5.63 8.78 10.20
CA ASP C 13 -6.42 9.39 11.26
C ASP C 13 -5.65 9.45 12.57
N THR C 14 -4.90 8.39 12.91
CA THR C 14 -4.17 8.36 14.17
C THR C 14 -3.12 9.47 14.21
N GLN C 15 -2.61 9.88 13.05
CA GLN C 15 -1.71 11.02 12.96
C GLN C 15 -2.45 12.30 12.58
N GLY C 16 -3.77 12.28 12.54
CA GLY C 16 -4.56 13.50 12.37
C GLY C 16 -4.25 14.26 11.10
N ARG C 17 -3.96 13.56 10.01
CA ARG C 17 -3.54 14.18 8.77
C ARG C 17 -4.30 13.58 7.60
N PHE C 18 -4.27 14.31 6.48
CA PHE C 18 -4.78 13.78 5.23
C PHE C 18 -3.97 12.56 4.80
N LEU C 19 -4.53 11.80 3.86
CA LEU C 19 -3.83 10.64 3.34
C LEU C 19 -2.64 11.07 2.50
N SER C 20 -1.51 10.40 2.70
CA SER C 20 -0.28 10.74 2.00
C SER C 20 -0.30 10.13 0.59
N ASN C 21 0.75 10.42 -0.18
CA ASN C 21 0.86 9.85 -1.51
C ASN C 21 1.12 8.36 -1.46
N THR C 22 1.90 7.90 -0.48
CA THR C 22 2.17 6.46 -0.36
C THR C 22 0.91 5.70 0.03
N GLU C 23 0.06 6.28 0.88
CA GLU C 23 -1.19 5.64 1.24
C GLU C 23 -2.10 5.52 0.02
N LEU C 24 -2.15 6.57 -0.80
CA LEU C 24 -2.94 6.50 -2.03
C LEU C 24 -2.35 5.51 -3.03
N GLN C 25 -1.02 5.38 -3.05
CA GLN C 25 -0.39 4.34 -3.86
C GLN C 25 -0.83 2.96 -3.43
N ALA C 26 -0.92 2.73 -2.12
CA ALA C 26 -1.35 1.44 -1.61
C ALA C 26 -2.81 1.17 -1.94
N VAL C 27 -3.67 2.18 -1.76
CA VAL C 27 -5.10 2.01 -2.08
C VAL C 27 -5.28 1.72 -3.56
N ASN C 28 -4.44 2.34 -4.41
CA ASN C 28 -4.49 2.02 -5.84
C ASN C 28 -4.13 0.57 -6.10
N GLY C 29 -3.12 0.05 -5.39
CA GLY C 29 -2.77 -1.36 -5.52
C GLY C 29 -3.93 -2.29 -5.19
N ARG C 30 -4.76 -1.89 -4.22
CA ARG C 30 -5.95 -2.67 -3.92
C ARG C 30 -7.00 -2.53 -5.01
N PHE C 31 -7.21 -1.30 -5.50
CA PHE C 31 -8.18 -1.09 -6.57
C PHE C 31 -7.77 -1.79 -7.85
N GLU C 32 -6.46 -1.86 -8.14
CA GLU C 32 -5.98 -2.57 -9.31
C GLU C 32 -6.30 -4.05 -9.22
N ARG C 33 -6.00 -4.67 -8.08
CA ARG C 33 -6.26 -6.08 -7.90
C ARG C 33 -7.74 -6.39 -7.69
N ALA C 34 -8.55 -5.37 -7.38
CA ALA C 34 -9.96 -5.61 -7.06
C ALA C 34 -10.75 -6.12 -8.26
N ALA C 35 -10.33 -5.80 -9.48
CA ALA C 35 -11.03 -6.32 -10.65
C ALA C 35 -10.89 -7.84 -10.74
N ALA C 36 -9.68 -8.34 -10.54
CA ALA C 36 -9.47 -9.79 -10.54
C ALA C 36 -10.08 -10.42 -9.29
N SER C 37 -10.04 -9.72 -8.16
CA SER C 37 -10.67 -10.23 -6.95
C SER C 37 -12.18 -10.34 -7.11
N MET C 38 -12.80 -9.34 -7.74
CA MET C 38 -14.23 -9.38 -7.97
C MET C 38 -14.61 -10.46 -8.97
N GLU C 39 -13.76 -10.70 -9.96
CA GLU C 39 -13.98 -11.80 -10.90
C GLU C 39 -14.02 -13.14 -10.17
N ALA C 40 -13.05 -13.37 -9.28
CA ALA C 40 -13.02 -14.61 -8.53
C ALA C 40 -14.25 -14.75 -7.64
N ALA C 41 -14.64 -13.67 -6.95
CA ALA C 41 -15.80 -13.72 -6.08
C ALA C 41 -17.07 -13.99 -6.86
N ARG C 42 -17.18 -13.48 -8.08
CA ARG C 42 -18.37 -13.72 -8.90
C ARG C 42 -18.42 -15.17 -9.36
N ALA C 43 -17.30 -15.70 -9.83
CA ALA C 43 -17.27 -17.08 -10.31
C ALA C 43 -17.56 -18.06 -9.18
N LEU C 44 -17.00 -17.83 -8.00
CA LEU C 44 -17.23 -18.72 -6.88
C LEU C 44 -18.67 -18.63 -6.37
N THR C 45 -19.29 -17.45 -6.47
CA THR C 45 -20.66 -17.31 -6.01
C THR C 45 -21.66 -17.89 -7.00
N ASN C 46 -21.38 -17.79 -8.30
CA ASN C 46 -22.28 -18.35 -9.30
C ASN C 46 -22.21 -19.87 -9.30
N ASN C 47 -21.00 -20.42 -9.27
CA ASN C 47 -20.79 -21.87 -9.23
C ASN C 47 -20.76 -22.41 -7.81
N ALA C 48 -21.45 -21.75 -6.87
CA ALA C 48 -21.36 -22.16 -5.47
C ALA C 48 -21.85 -23.59 -5.27
N GLN C 49 -23.06 -23.89 -5.74
CA GLN C 49 -23.64 -25.22 -5.53
C GLN C 49 -22.79 -26.29 -6.20
N GLN C 50 -22.32 -26.04 -7.42
CA GLN C 50 -21.52 -27.04 -8.12
CA GLN C 50 -21.52 -27.04 -8.12
C GLN C 50 -20.17 -27.25 -7.44
N LEU C 51 -19.55 -26.17 -6.95
CA LEU C 51 -18.27 -26.33 -6.27
C LEU C 51 -18.43 -26.99 -4.93
N ILE C 52 -19.50 -26.64 -4.19
CA ILE C 52 -19.73 -27.25 -2.89
C ILE C 52 -19.96 -28.75 -3.03
N ASP C 53 -20.87 -29.14 -3.94
CA ASP C 53 -21.17 -30.56 -4.12
C ASP C 53 -19.96 -31.33 -4.64
N GLY C 54 -19.15 -30.69 -5.50
CA GLY C 54 -17.95 -31.35 -5.98
C GLY C 54 -16.90 -31.52 -4.89
N ALA C 55 -16.76 -30.50 -4.02
CA ALA C 55 -15.80 -30.59 -2.92
C ALA C 55 -16.19 -31.68 -1.93
N ALA C 56 -17.48 -31.77 -1.61
CA ALA C 56 -17.96 -32.82 -0.71
C ALA C 56 -17.65 -34.20 -1.30
N ASN C 57 -18.02 -34.40 -2.56
CA ASN C 57 -17.75 -35.69 -3.21
C ASN C 57 -16.26 -35.96 -3.29
N ALA C 58 -15.44 -34.92 -3.47
CA ALA C 58 -14.00 -35.09 -3.46
C ALA C 58 -13.53 -35.63 -2.11
N VAL C 59 -14.13 -35.16 -1.02
CA VAL C 59 -13.76 -35.63 0.31
C VAL C 59 -14.19 -37.08 0.51
N TYR C 60 -15.40 -37.42 0.02
CA TYR C 60 -15.90 -38.78 0.18
C TYR C 60 -15.04 -39.78 -0.58
N GLN C 61 -14.52 -39.39 -1.74
CA GLN C 61 -13.64 -40.29 -2.49
C GLN C 61 -12.25 -40.39 -1.86
N LYS C 62 -11.77 -39.30 -1.26
CA LYS C 62 -10.43 -39.32 -0.67
C LYS C 62 -10.41 -40.01 0.68
N PHE C 63 -11.48 -39.87 1.47
CA PHE C 63 -11.60 -40.48 2.79
C PHE C 63 -12.85 -41.37 2.77
N PRO C 64 -12.76 -42.57 2.20
CA PRO C 64 -13.97 -43.36 1.95
C PRO C 64 -14.75 -43.71 3.20
N TYR C 65 -14.09 -43.83 4.35
CA TYR C 65 -14.79 -44.22 5.57
C TYR C 65 -15.84 -43.19 5.99
N THR C 66 -15.73 -41.95 5.53
CA THR C 66 -16.68 -40.92 5.94
C THR C 66 -18.08 -41.15 5.41
N THR C 67 -18.24 -41.99 4.38
CA THR C 67 -19.55 -42.39 3.90
C THR C 67 -19.93 -43.80 4.32
N GLN C 68 -19.03 -44.52 4.98
CA GLN C 68 -19.26 -45.91 5.36
C GLN C 68 -19.48 -46.08 6.85
N MET C 69 -18.59 -45.56 7.68
CA MET C 69 -18.65 -45.82 9.12
C MET C 69 -19.87 -45.14 9.75
N GLN C 70 -20.46 -45.81 10.73
CA GLN C 70 -21.50 -45.19 11.54
C GLN C 70 -20.87 -44.19 12.50
N GLY C 71 -21.64 -43.16 12.84
CA GLY C 71 -21.18 -42.09 13.72
C GLY C 71 -21.76 -40.77 13.29
N ALA C 72 -22.01 -39.90 14.28
CA ALA C 72 -22.65 -38.62 13.99
C ALA C 72 -21.69 -37.62 13.36
N ASN C 73 -20.39 -37.78 13.53
CA ASN C 73 -19.42 -36.90 12.89
C ASN C 73 -19.12 -37.30 11.45
N PHE C 74 -19.75 -38.36 10.94
CA PHE C 74 -19.52 -38.86 9.60
C PHE C 74 -20.74 -38.61 8.71
N ALA C 75 -20.50 -38.65 7.40
CA ALA C 75 -21.54 -38.40 6.41
C ALA C 75 -22.03 -39.70 5.77
N SER C 76 -22.29 -40.71 6.61
CA SER C 76 -22.79 -41.99 6.10
C SER C 76 -24.29 -41.99 5.89
N ASP C 77 -25.01 -40.95 6.31
CA ASP C 77 -26.43 -40.86 6.06
C ASP C 77 -26.78 -39.52 5.40
N SER C 78 -28.08 -39.25 5.26
CA SER C 78 -28.50 -37.99 4.64
C SER C 78 -28.18 -36.80 5.54
N ARG C 79 -28.36 -36.96 6.85
CA ARG C 79 -28.12 -35.84 7.78
C ARG C 79 -26.66 -35.42 7.76
N GLY C 80 -25.75 -36.39 7.83
CA GLY C 80 -24.33 -36.05 7.82
C GLY C 80 -23.90 -35.42 6.51
N LYS C 81 -24.45 -35.90 5.39
CA LYS C 81 -24.09 -35.34 4.09
C LYS C 81 -24.59 -33.90 3.94
N SER C 82 -25.74 -33.58 4.53
CA SER C 82 -26.21 -32.21 4.51
C SER C 82 -25.33 -31.31 5.36
N LYS C 83 -24.92 -31.79 6.54
CA LYS C 83 -24.04 -31.02 7.40
C LYS C 83 -22.69 -30.76 6.73
N CYS C 84 -22.17 -31.75 6.00
CA CYS C 84 -20.89 -31.60 5.34
C CYS C 84 -20.97 -30.57 4.21
N ALA C 85 -22.01 -30.66 3.38
CA ALA C 85 -22.18 -29.66 2.32
C ALA C 85 -22.37 -28.27 2.89
N ARG C 86 -23.12 -28.16 4.00
CA ARG C 86 -23.30 -26.88 4.66
C ARG C 86 -21.97 -26.29 5.11
N ASP C 87 -21.14 -27.11 5.77
CA ASP C 87 -19.84 -26.63 6.24
C ASP C 87 -18.99 -26.12 5.09
N ILE C 88 -18.92 -26.88 4.00
CA ILE C 88 -18.14 -26.45 2.84
C ILE C 88 -18.71 -25.16 2.27
N GLY C 89 -20.05 -25.04 2.27
CA GLY C 89 -20.66 -23.77 1.90
C GLY C 89 -20.22 -22.64 2.78
N TYR C 90 -20.07 -22.91 4.09
CA TYR C 90 -19.60 -21.88 5.01
C TYR C 90 -18.19 -21.42 4.63
N TYR C 91 -17.30 -22.38 4.37
CA TYR C 91 -15.93 -22.03 3.99
C TYR C 91 -15.90 -21.17 2.73
N LEU C 92 -16.56 -21.64 1.67
CA LEU C 92 -16.53 -20.92 0.40
C LEU C 92 -17.19 -19.56 0.52
N ARG C 93 -18.29 -19.47 1.26
CA ARG C 93 -18.97 -18.20 1.45
C ARG C 93 -18.04 -17.16 2.06
N ILE C 94 -17.36 -17.53 3.15
CA ILE C 94 -16.47 -16.60 3.82
C ILE C 94 -15.25 -16.31 2.96
N ILE C 95 -14.85 -17.25 2.10
CA ILE C 95 -13.76 -16.97 1.17
C ILE C 95 -14.16 -15.89 0.17
N THR C 96 -15.41 -15.95 -0.31
CA THR C 96 -15.90 -14.89 -1.20
C THR C 96 -16.00 -13.56 -0.45
N TYR C 97 -16.32 -13.59 0.84
CA TYR C 97 -16.29 -12.37 1.66
C TYR C 97 -14.90 -11.72 1.60
N SER C 98 -13.85 -12.52 1.76
CA SER C 98 -12.49 -11.98 1.80
C SER C 98 -12.07 -11.43 0.45
N LEU C 99 -12.39 -12.15 -0.63
CA LEU C 99 -12.11 -11.64 -1.97
C LEU C 99 -12.80 -10.30 -2.20
N VAL C 100 -14.04 -10.17 -1.73
CA VAL C 100 -14.80 -8.93 -1.91
C VAL C 100 -14.17 -7.80 -1.11
N ALA C 101 -13.70 -8.09 0.11
CA ALA C 101 -13.14 -7.06 0.97
C ALA C 101 -11.70 -6.72 0.62
N GLY C 102 -10.98 -7.62 -0.05
CA GLY C 102 -9.61 -7.37 -0.42
C GLY C 102 -8.56 -7.78 0.60
N GLY C 103 -8.94 -8.52 1.64
CA GLY C 103 -8.00 -8.96 2.65
C GLY C 103 -8.56 -10.14 3.42
N THR C 104 -7.73 -10.66 4.32
CA THR C 104 -8.07 -11.85 5.09
C THR C 104 -8.98 -11.57 6.27
N GLY C 105 -9.44 -10.34 6.42
CA GLY C 105 -10.26 -9.94 7.56
C GLY C 105 -11.46 -10.82 7.81
N PRO C 106 -12.35 -10.95 6.82
CA PRO C 106 -13.53 -11.81 7.02
C PRO C 106 -13.18 -13.25 7.35
N LEU C 107 -12.13 -13.81 6.74
CA LEU C 107 -11.72 -15.17 7.06
C LEU C 107 -11.25 -15.25 8.51
N ASP C 108 -10.50 -14.25 8.97
CA ASP C 108 -10.03 -14.23 10.36
C ASP C 108 -11.19 -14.15 11.34
N GLU C 109 -12.17 -13.27 11.07
CA GLU C 109 -13.23 -13.02 12.03
C GLU C 109 -14.34 -14.06 11.95
N TYR C 110 -14.78 -14.42 10.74
CA TYR C 110 -15.98 -15.20 10.57
C TYR C 110 -15.75 -16.70 10.51
N LEU C 111 -14.50 -17.15 10.31
CA LEU C 111 -14.25 -18.57 10.10
C LEU C 111 -13.14 -19.12 11.00
N ILE C 112 -11.97 -18.48 10.98
CA ILE C 112 -10.79 -19.08 11.60
C ILE C 112 -10.89 -19.02 13.12
N ALA C 113 -11.33 -17.90 13.67
CA ALA C 113 -11.45 -17.78 15.12
C ALA C 113 -12.43 -18.80 15.67
N GLY C 114 -11.94 -19.69 16.54
CA GLY C 114 -12.74 -20.74 17.11
C GLY C 114 -12.85 -21.99 16.26
N LEU C 115 -12.33 -21.96 15.03
CA LEU C 115 -12.46 -23.10 14.12
C LEU C 115 -11.85 -24.36 14.72
N ASP C 116 -10.68 -24.23 15.36
CA ASP C 116 -10.02 -25.41 15.92
C ASP C 116 -10.81 -26.00 17.08
N GLU C 117 -11.46 -25.14 17.86
CA GLU C 117 -12.31 -25.64 18.94
C GLU C 117 -13.53 -26.36 18.39
N ILE C 118 -14.12 -25.83 17.32
CA ILE C 118 -15.28 -26.47 16.70
C ILE C 118 -14.90 -27.85 16.17
N ASN C 119 -13.79 -27.92 15.42
CA ASN C 119 -13.39 -29.19 14.82
C ASN C 119 -13.01 -30.22 15.88
N ARG C 120 -12.31 -29.80 16.94
CA ARG C 120 -11.93 -30.72 17.99
C ARG C 120 -13.14 -31.26 18.73
N THR C 121 -14.08 -30.38 19.08
CA THR C 121 -15.23 -30.79 19.89
C THR C 121 -16.09 -31.81 19.15
N PHE C 122 -16.37 -31.55 17.88
CA PHE C 122 -17.27 -32.40 17.09
C PHE C 122 -16.52 -33.44 16.28
N ASP C 123 -15.21 -33.59 16.49
CA ASP C 123 -14.41 -34.65 15.88
C ASP C 123 -14.46 -34.58 14.36
N LEU C 124 -14.36 -33.36 13.82
CA LEU C 124 -14.29 -33.13 12.39
C LEU C 124 -12.81 -32.97 12.01
N SER C 125 -12.30 -33.91 11.23
CA SER C 125 -10.90 -33.86 10.83
CA SER C 125 -10.90 -33.86 10.83
C SER C 125 -10.65 -32.64 9.96
N PRO C 126 -9.67 -31.80 10.30
CA PRO C 126 -9.35 -30.66 9.41
C PRO C 126 -8.88 -31.10 8.04
N SER C 127 -8.30 -32.29 7.93
CA SER C 127 -7.85 -32.78 6.63
C SER C 127 -8.99 -32.92 5.65
N TRP C 128 -10.20 -33.19 6.15
CA TRP C 128 -11.38 -33.20 5.27
C TRP C 128 -11.56 -31.86 4.57
N TYR C 129 -11.50 -30.77 5.34
CA TYR C 129 -11.75 -29.45 4.78
C TYR C 129 -10.56 -28.95 3.98
N VAL C 130 -9.34 -29.41 4.29
CA VAL C 130 -8.20 -29.13 3.43
C VAL C 130 -8.41 -29.74 2.05
N GLU C 131 -8.98 -30.95 2.01
CA GLU C 131 -9.19 -31.62 0.73
C GLU C 131 -10.30 -30.96 -0.07
N ALA C 132 -11.40 -30.56 0.60
CA ALA C 132 -12.46 -29.85 -0.10
C ALA C 132 -11.95 -28.54 -0.69
N LEU C 133 -11.13 -27.82 0.06
CA LEU C 133 -10.56 -26.57 -0.44
C LEU C 133 -9.59 -26.83 -1.59
N LYS C 134 -8.82 -27.92 -1.50
CA LYS C 134 -7.91 -28.26 -2.59
C LYS C 134 -8.66 -28.55 -3.88
N TYR C 135 -9.85 -29.14 -3.78
CA TYR C 135 -10.66 -29.39 -4.96
C TYR C 135 -11.17 -28.09 -5.55
N ILE C 136 -11.72 -27.21 -4.69
CA ILE C 136 -12.24 -25.93 -5.17
C ILE C 136 -11.14 -25.11 -5.83
N LYS C 137 -9.92 -25.18 -5.27
CA LYS C 137 -8.80 -24.47 -5.85
C LYS C 137 -8.40 -25.07 -7.20
N ALA C 138 -8.48 -26.40 -7.33
CA ALA C 138 -8.13 -27.06 -8.58
C ALA C 138 -9.25 -27.02 -9.61
N ASN C 139 -10.47 -26.61 -9.24
CA ASN C 139 -11.59 -26.73 -10.15
C ASN C 139 -12.52 -25.51 -10.15
N HIS C 140 -12.02 -24.33 -9.77
CA HIS C 140 -12.87 -23.15 -9.84
C HIS C 140 -13.01 -22.62 -11.26
N GLY C 141 -12.14 -23.03 -12.18
CA GLY C 141 -12.22 -22.65 -13.56
C GLY C 141 -11.62 -21.31 -13.91
N LEU C 142 -11.11 -20.57 -12.93
CA LEU C 142 -10.55 -19.25 -13.18
C LEU C 142 -9.15 -19.36 -13.79
N SER C 143 -8.71 -18.26 -14.40
CA SER C 143 -7.38 -18.17 -14.98
C SER C 143 -6.81 -16.79 -14.67
N GLY C 144 -5.51 -16.66 -14.89
CA GLY C 144 -4.87 -15.36 -14.70
C GLY C 144 -4.95 -14.88 -13.27
N GLN C 145 -5.11 -13.56 -13.12
CA GLN C 145 -5.04 -12.96 -11.79
C GLN C 145 -6.28 -13.26 -10.96
N ALA C 146 -7.42 -13.52 -11.60
CA ALA C 146 -8.60 -13.96 -10.86
C ALA C 146 -8.35 -15.30 -10.19
N ALA C 147 -7.62 -16.20 -10.87
CA ALA C 147 -7.25 -17.46 -10.25
C ALA C 147 -6.24 -17.25 -9.13
N ASN C 148 -5.28 -16.33 -9.34
CA ASN C 148 -4.29 -16.05 -8.30
C ASN C 148 -4.94 -15.49 -7.05
N GLU C 149 -5.94 -14.61 -7.22
CA GLU C 149 -6.64 -14.07 -6.06
C GLU C 149 -7.42 -15.16 -5.33
N ALA C 150 -8.21 -15.94 -6.06
CA ALA C 150 -8.94 -17.05 -5.45
C ALA C 150 -7.98 -18.00 -4.75
N ASN C 151 -6.84 -18.29 -5.37
CA ASN C 151 -5.90 -19.25 -4.78
C ASN C 151 -5.32 -18.73 -3.47
N THR C 152 -5.00 -17.44 -3.39
CA THR C 152 -4.37 -16.91 -2.18
C THR C 152 -5.31 -17.00 -0.98
N TYR C 153 -6.61 -16.77 -1.18
CA TYR C 153 -7.54 -16.84 -0.07
C TYR C 153 -8.00 -18.26 0.24
N ILE C 154 -8.02 -19.14 -0.77
CA ILE C 154 -8.23 -20.55 -0.48
C ILE C 154 -7.02 -21.14 0.24
N ASP C 155 -5.81 -20.78 -0.20
CA ASP C 155 -4.61 -21.23 0.51
C ASP C 155 -4.57 -20.67 1.92
N TYR C 156 -5.09 -19.47 2.14
CA TYR C 156 -5.15 -18.92 3.48
C TYR C 156 -6.03 -19.76 4.39
N ALA C 157 -7.20 -20.18 3.89
CA ALA C 157 -8.06 -21.04 4.68
C ALA C 157 -7.45 -22.42 4.88
N ILE C 158 -6.68 -22.90 3.88
CA ILE C 158 -6.00 -24.19 4.03
C ILE C 158 -4.95 -24.11 5.13
N ASN C 159 -4.15 -23.04 5.12
CA ASN C 159 -3.10 -22.89 6.12
C ASN C 159 -3.67 -22.75 7.52
N ALA C 160 -4.84 -22.13 7.65
CA ALA C 160 -5.49 -22.02 8.95
C ALA C 160 -5.86 -23.39 9.50
N LEU C 161 -6.08 -24.36 8.63
CA LEU C 161 -6.38 -25.72 9.05
C LEU C 161 -5.12 -26.54 9.33
N SER C 162 -3.95 -26.04 8.93
CA SER C 162 -2.71 -26.76 9.14
C SER C 162 -1.85 -26.03 10.17
N MET D 1 -14.29 0.84 11.72
CA MET D 1 -14.82 1.57 10.57
C MET D 1 -15.09 0.62 9.40
N LEU D 2 -15.96 1.06 8.49
CA LEU D 2 -16.37 0.25 7.35
C LEU D 2 -16.13 1.00 6.05
N ASP D 3 -15.69 0.27 5.02
CA ASP D 3 -15.75 0.77 3.67
C ASP D 3 -16.94 0.13 2.95
N ALA D 4 -17.09 0.43 1.67
CA ALA D 4 -18.25 -0.08 0.93
C ALA D 4 -18.26 -1.59 0.88
N PHE D 5 -17.09 -2.21 0.68
CA PHE D 5 -17.01 -3.67 0.62
C PHE D 5 -17.27 -4.30 1.99
N ALA D 6 -16.63 -3.76 3.04
CA ALA D 6 -16.81 -4.31 4.37
C ALA D 6 -18.25 -4.16 4.86
N LYS D 7 -18.93 -3.10 4.44
CA LYS D 7 -20.33 -2.92 4.84
C LYS D 7 -21.21 -4.00 4.22
N VAL D 8 -21.02 -4.25 2.92
CA VAL D 8 -21.81 -5.28 2.24
C VAL D 8 -21.52 -6.65 2.83
N VAL D 9 -20.26 -6.95 3.11
CA VAL D 9 -19.89 -8.25 3.64
C VAL D 9 -20.45 -8.44 5.05
N SER D 10 -20.52 -7.36 5.84
CA SER D 10 -21.04 -7.48 7.20
C SER D 10 -22.55 -7.73 7.19
N GLN D 11 -23.27 -7.15 6.23
CA GLN D 11 -24.69 -7.42 6.10
C GLN D 11 -24.94 -8.85 5.62
N ALA D 12 -24.09 -9.34 4.72
CA ALA D 12 -24.26 -10.70 4.20
C ALA D 12 -23.93 -11.73 5.27
N ASP D 13 -22.93 -11.46 6.11
CA ASP D 13 -22.58 -12.40 7.16
C ASP D 13 -23.68 -12.51 8.20
N THR D 14 -24.34 -11.39 8.52
CA THR D 14 -25.45 -11.44 9.45
C THR D 14 -26.60 -12.27 8.88
N LYS D 15 -26.91 -12.07 7.61
CA LYS D 15 -27.90 -12.91 6.93
C LYS D 15 -27.36 -14.31 6.66
N GLY D 16 -26.05 -14.52 6.77
CA GLY D 16 -25.47 -15.83 6.49
C GLY D 16 -25.56 -16.25 5.05
N GLU D 17 -25.40 -15.31 4.12
CA GLU D 17 -25.68 -15.54 2.71
C GLU D 17 -24.49 -15.14 1.86
N PHE D 18 -24.37 -15.79 0.71
CA PHE D 18 -23.49 -15.27 -0.34
C PHE D 18 -23.99 -13.90 -0.79
N LEU D 19 -23.10 -13.12 -1.38
CA LEU D 19 -23.50 -11.84 -1.92
C LEU D 19 -24.42 -12.05 -3.13
N SER D 20 -25.49 -11.25 -3.20
CA SER D 20 -26.38 -11.30 -4.34
C SER D 20 -25.68 -10.72 -5.57
N SER D 21 -26.30 -10.93 -6.73
CA SER D 21 -25.77 -10.32 -7.95
C SER D 21 -25.96 -8.81 -7.93
N ALA D 22 -26.96 -8.32 -7.20
CA ALA D 22 -27.10 -6.88 -7.01
C ALA D 22 -25.90 -6.30 -6.28
N GLN D 23 -25.53 -6.91 -5.14
CA GLN D 23 -24.40 -6.41 -4.37
C GLN D 23 -23.09 -6.61 -5.12
N LEU D 24 -22.95 -7.71 -5.85
CA LEU D 24 -21.75 -7.93 -6.64
C LEU D 24 -21.63 -6.91 -7.77
N ASP D 25 -22.75 -6.52 -8.37
CA ASP D 25 -22.72 -5.50 -9.40
C ASP D 25 -22.37 -4.14 -8.82
N ALA D 26 -23.00 -3.79 -7.69
CA ALA D 26 -22.74 -2.50 -7.06
C ALA D 26 -21.27 -2.33 -6.71
N LEU D 27 -20.65 -3.36 -6.16
CA LEU D 27 -19.25 -3.27 -5.77
C LEU D 27 -18.34 -3.28 -6.98
N SER D 28 -18.74 -3.97 -8.07
CA SER D 28 -17.98 -3.87 -9.31
C SER D 28 -18.06 -2.46 -9.90
N ASN D 29 -19.18 -1.77 -9.68
CA ASN D 29 -19.27 -0.37 -10.08
C ASN D 29 -18.31 0.49 -9.28
N VAL D 30 -18.22 0.24 -7.97
CA VAL D 30 -17.30 1.00 -7.13
C VAL D 30 -15.86 0.76 -7.55
N VAL D 31 -15.54 -0.47 -7.96
CA VAL D 31 -14.18 -0.80 -8.34
C VAL D 31 -13.80 -0.17 -9.67
N LYS D 32 -14.76 -0.11 -10.61
CA LYS D 32 -14.47 0.51 -11.89
C LYS D 32 -14.31 2.02 -11.76
N ASP D 33 -14.97 2.64 -10.79
CA ASP D 33 -14.82 4.06 -10.51
C ASP D 33 -13.70 4.34 -9.51
N GLY D 34 -12.83 3.36 -9.24
CA GLY D 34 -11.81 3.55 -8.23
C GLY D 34 -10.81 4.63 -8.59
N SER D 35 -10.43 4.70 -9.87
CA SER D 35 -9.47 5.72 -10.28
C SER D 35 -10.06 7.12 -10.18
N LYS D 36 -11.33 7.29 -10.55
CA LYS D 36 -12.00 8.57 -10.33
C LYS D 36 -12.04 8.90 -8.84
N ARG D 37 -12.27 7.88 -8.00
CA ARG D 37 -12.27 8.08 -6.56
C ARG D 37 -10.93 8.62 -6.07
N LEU D 38 -9.83 8.04 -6.58
CA LEU D 38 -8.51 8.52 -6.22
C LEU D 38 -8.29 9.94 -6.70
N ASP D 39 -8.68 10.24 -7.94
CA ASP D 39 -8.59 11.60 -8.44
C ASP D 39 -9.37 12.57 -7.57
N ALA D 40 -10.58 12.18 -7.17
CA ALA D 40 -11.39 13.05 -6.31
C ALA D 40 -10.70 13.30 -4.98
N VAL D 41 -10.23 12.25 -4.33
CA VAL D 41 -9.58 12.40 -3.03
C VAL D 41 -8.29 13.20 -3.16
N ASN D 42 -7.49 12.92 -4.19
CA ASN D 42 -6.22 13.61 -4.35
C ASN D 42 -6.42 15.08 -4.71
N ARG D 43 -7.52 15.41 -5.39
CA ARG D 43 -7.78 16.80 -5.74
C ARG D 43 -8.29 17.61 -4.54
N MET D 44 -9.15 17.01 -3.72
CA MET D 44 -9.56 17.66 -2.48
C MET D 44 -8.39 17.85 -1.54
N THR D 45 -7.47 16.88 -1.51
CA THR D 45 -6.33 16.96 -0.59
C THR D 45 -5.34 18.03 -1.02
N SER D 46 -4.87 17.95 -2.28
CA SER D 46 -3.91 18.91 -2.79
C SER D 46 -4.41 20.34 -2.71
N ASN D 47 -5.72 20.55 -2.62
CA ASN D 47 -6.32 21.87 -2.64
C ASN D 47 -7.14 22.13 -1.37
N ALA D 48 -6.73 21.53 -0.26
CA ALA D 48 -7.47 21.71 0.98
C ALA D 48 -7.49 23.17 1.41
N SER D 49 -6.36 23.86 1.31
CA SER D 49 -6.30 25.26 1.68
C SER D 49 -7.24 26.10 0.83
N THR D 50 -7.25 25.86 -0.50
CA THR D 50 -8.12 26.62 -1.38
C THR D 50 -9.59 26.36 -1.08
N ILE D 51 -9.95 25.11 -0.79
CA ILE D 51 -11.34 24.78 -0.49
C ILE D 51 -11.79 25.46 0.80
N VAL D 52 -10.95 25.42 1.83
CA VAL D 52 -11.28 26.10 3.09
C VAL D 52 -11.36 27.60 2.86
N ALA D 53 -10.42 28.17 2.11
CA ALA D 53 -10.39 29.61 1.90
C ALA D 53 -11.64 30.09 1.18
N ASN D 54 -12.00 29.43 0.09
CA ASN D 54 -13.20 29.81 -0.66
C ASN D 54 -14.44 29.70 0.22
N ALA D 55 -14.50 28.65 1.05
CA ALA D 55 -15.66 28.47 1.92
C ALA D 55 -15.72 29.57 2.98
N ALA D 56 -14.60 29.82 3.65
CA ALA D 56 -14.57 30.85 4.70
C ALA D 56 -14.89 32.22 4.13
N ARG D 57 -14.34 32.55 2.96
CA ARG D 57 -14.61 33.85 2.35
C ARG D 57 -16.10 34.04 2.10
N SER D 58 -16.75 33.04 1.49
CA SER D 58 -18.18 33.16 1.21
C SER D 58 -18.99 33.20 2.50
N LEU D 59 -18.56 32.46 3.51
CA LEU D 59 -19.26 32.50 4.80
C LEU D 59 -19.11 33.87 5.45
N PHE D 60 -17.92 34.46 5.37
CA PHE D 60 -17.68 35.75 6.02
C PHE D 60 -18.29 36.92 5.25
N GLU D 61 -18.47 36.78 3.93
CA GLU D 61 -19.25 37.77 3.20
C GLU D 61 -20.73 37.68 3.55
N GLU D 62 -21.24 36.46 3.69
CA GLU D 62 -22.64 36.26 4.02
C GLU D 62 -22.94 36.67 5.46
N GLN D 63 -22.03 36.36 6.40
CA GLN D 63 -22.18 36.70 7.81
C GLN D 63 -20.96 37.52 8.23
N PRO D 64 -20.96 38.83 7.93
CA PRO D 64 -19.76 39.64 8.22
C PRO D 64 -19.51 39.84 9.70
N GLN D 65 -20.51 39.65 10.56
CA GLN D 65 -20.30 39.83 11.99
C GLN D 65 -19.34 38.81 12.56
N LEU D 66 -19.08 37.72 11.84
CA LEU D 66 -18.16 36.70 12.33
C LEU D 66 -16.75 37.23 12.44
N ILE D 67 -16.34 38.12 11.52
CA ILE D 67 -14.98 38.64 11.48
C ILE D 67 -14.90 40.07 11.99
N GLN D 68 -15.93 40.55 12.66
CA GLN D 68 -15.91 41.85 13.30
C GLN D 68 -15.74 41.69 14.81
N PRO D 69 -15.30 42.74 15.51
CA PRO D 69 -15.10 42.63 16.96
C PRO D 69 -16.30 42.04 17.67
N GLY D 70 -16.05 41.03 18.49
CA GLY D 70 -17.10 40.29 19.15
C GLY D 70 -17.64 39.11 18.38
N GLY D 71 -17.25 38.96 17.12
CA GLY D 71 -17.65 37.80 16.33
C GLY D 71 -16.97 36.54 16.80
N MEN D 72 -17.57 35.39 16.49
CA MEN D 72 -17.05 34.13 16.97
C MEN D 72 -15.80 33.71 16.20
O MEN D 72 -15.07 32.79 16.54
CB MEN D 72 -18.05 32.96 16.89
CG MEN D 72 -17.63 31.83 17.82
OD1 MEN D 72 -17.44 30.68 17.38
ND2 MEN D 72 -17.44 32.13 19.15
CE2 MEN D 72 -17.04 31.17 20.14
N ALA D 73 -15.53 34.43 15.11
CA ALA D 73 -14.35 34.15 14.29
C ALA D 73 -13.35 35.29 14.31
N TYR D 74 -13.59 36.28 15.18
CA TYR D 74 -12.66 37.39 15.34
C TYR D 74 -11.50 36.98 16.25
N THR D 75 -10.41 37.76 16.16
CA THR D 75 -9.11 37.51 16.80
C THR D 75 -8.38 36.36 16.12
N ASN D 76 -7.06 36.30 16.31
CA ASN D 76 -6.26 35.25 15.67
C ASN D 76 -6.62 33.88 16.20
N ARG D 77 -6.87 33.78 17.51
CA ARG D 77 -7.13 32.47 18.12
CA ARG D 77 -7.13 32.49 18.12
C ARG D 77 -8.41 31.84 17.59
N ARG D 78 -9.49 32.62 17.49
CA ARG D 78 -10.74 32.06 17.01
C ARG D 78 -10.73 31.82 15.51
N MET D 79 -10.01 32.65 14.75
CA MET D 79 -9.90 32.42 13.31
C MET D 79 -9.13 31.14 13.02
N ALA D 80 -7.98 30.96 13.66
CA ALA D 80 -7.19 29.75 13.46
C ALA D 80 -7.98 28.52 13.88
N ALA D 81 -8.74 28.61 14.98
CA ALA D 81 -9.58 27.51 15.41
C ALA D 81 -10.66 27.21 14.36
N CYS D 82 -11.30 28.25 13.85
CA CYS D 82 -12.34 28.07 12.83
C CYS D 82 -11.79 27.39 11.59
N LEU D 83 -10.63 27.86 11.10
CA LEU D 83 -10.02 27.25 9.92
C LEU D 83 -9.63 25.80 10.20
N ARG D 84 -9.11 25.53 11.40
CA ARG D 84 -8.76 24.16 11.78
CA ARG D 84 -8.75 24.16 11.75
C ARG D 84 -9.97 23.24 11.72
N ASP D 85 -11.12 23.75 12.16
CA ASP D 85 -12.34 22.94 12.12
C ASP D 85 -12.76 22.64 10.69
N MET D 86 -12.67 23.63 9.81
CA MET D 86 -13.04 23.42 8.42
C MET D 86 -12.15 22.36 7.78
N GLU D 87 -10.84 22.46 8.00
CA GLU D 87 -9.91 21.47 7.46
C GLU D 87 -10.18 20.09 8.06
N ILE D 88 -10.57 20.04 9.34
CA ILE D 88 -10.86 18.75 9.98
C ILE D 88 -12.03 18.06 9.29
N ILE D 89 -13.12 18.79 9.08
CA ILE D 89 -14.30 18.20 8.45
C ILE D 89 -14.00 17.78 7.03
N LEU D 90 -13.25 18.60 6.28
CA LEU D 90 -12.82 18.21 4.95
C LEU D 90 -11.98 16.94 4.98
N ARG D 91 -11.07 16.85 5.95
CA ARG D 91 -10.21 15.68 6.07
C ARG D 91 -11.04 14.40 6.23
N TYR D 92 -12.05 14.46 7.11
CA TYR D 92 -12.88 13.27 7.32
C TYR D 92 -13.78 13.01 6.13
N VAL D 93 -14.14 14.05 5.37
CA VAL D 93 -14.90 13.83 4.14
C VAL D 93 -14.06 13.08 3.13
N THR D 94 -12.77 13.40 3.03
CA THR D 94 -11.90 12.67 2.11
C THR D 94 -11.69 11.23 2.56
N TYR D 95 -11.75 10.98 3.87
CA TYR D 95 -11.75 9.60 4.35
C TYR D 95 -12.96 8.84 3.83
N ALA D 96 -14.16 9.40 4.05
CA ALA D 96 -15.38 8.74 3.60
C ALA D 96 -15.43 8.61 2.10
N THR D 97 -14.75 9.50 1.37
CA THR D 97 -14.78 9.44 -0.09
C THR D 97 -13.91 8.29 -0.59
N LEU D 98 -12.71 8.14 -0.05
CA LEU D 98 -11.85 7.02 -0.41
C LEU D 98 -12.44 5.68 0.02
N ALA D 99 -13.16 5.68 1.16
CA ALA D 99 -13.72 4.44 1.68
C ALA D 99 -15.00 4.04 0.97
N GLY D 100 -15.76 5.00 0.45
CA GLY D 100 -17.06 4.69 -0.10
C GLY D 100 -18.13 4.47 0.94
N ASP D 101 -17.90 4.92 2.18
CA ASP D 101 -18.85 4.76 3.27
C ASP D 101 -18.58 5.84 4.29
N SER D 102 -19.66 6.41 4.84
CA SER D 102 -19.56 7.54 5.77
C SER D 102 -19.28 7.11 7.21
N SER D 103 -18.95 5.83 7.44
CA SER D 103 -18.80 5.35 8.81
C SER D 103 -17.70 6.10 9.56
N VAL D 104 -16.54 6.29 8.91
CA VAL D 104 -15.43 6.97 9.57
C VAL D 104 -15.80 8.43 9.86
N LEU D 105 -16.51 9.08 8.93
CA LEU D 105 -16.91 10.46 9.14
C LEU D 105 -17.96 10.57 10.25
N ASP D 106 -18.89 9.61 10.32
CA ASP D 106 -19.94 9.67 11.35
C ASP D 106 -19.38 9.38 12.73
N ASP D 107 -18.46 8.41 12.83
CA ASP D 107 -18.01 7.95 14.15
C ASP D 107 -16.94 8.87 14.73
N ARG D 108 -15.90 9.18 13.96
CA ARG D 108 -14.73 9.87 14.46
C ARG D 108 -14.79 11.38 14.27
N CYS D 109 -15.93 11.92 13.86
CA CYS D 109 -16.00 13.36 13.59
C CYS D 109 -17.35 13.96 13.96
N LEU D 110 -18.43 13.43 13.38
CA LEU D 110 -19.74 14.06 13.52
C LEU D 110 -20.45 13.67 14.81
N ASN D 111 -20.16 12.48 15.35
CA ASN D 111 -20.86 11.99 16.54
C ASN D 111 -20.59 12.90 17.74
N GLY D 112 -21.63 13.60 18.19
CA GLY D 112 -21.48 14.49 19.34
C GLY D 112 -20.87 15.84 19.04
N LEU D 113 -20.57 16.13 17.78
CA LEU D 113 -19.97 17.43 17.44
C LEU D 113 -20.94 18.57 17.70
N ARG D 114 -22.23 18.37 17.42
CA ARG D 114 -23.22 19.39 17.73
C ARG D 114 -23.13 19.82 19.18
N GLU D 115 -23.18 18.85 20.10
CA GLU D 115 -23.11 19.17 21.53
C GLU D 115 -21.81 19.88 21.87
N THR D 116 -20.71 19.51 21.21
CA THR D 116 -19.44 20.18 21.45
C THR D 116 -19.51 21.65 21.08
N TYR D 117 -20.20 21.97 19.97
CA TYR D 117 -20.31 23.37 19.54
C TYR D 117 -21.22 24.16 20.46
N GLN D 118 -22.37 23.58 20.84
CA GLN D 118 -23.30 24.29 21.73
C GLN D 118 -22.68 24.55 23.09
N ALA D 119 -21.72 23.73 23.51
CA ALA D 119 -21.04 23.98 24.78
C ALA D 119 -19.99 25.08 24.64
N LEU D 120 -19.29 25.12 23.50
CA LEU D 120 -18.26 26.12 23.26
C LEU D 120 -18.81 27.45 22.78
N GLY D 121 -20.12 27.56 22.57
CA GLY D 121 -20.68 28.79 22.04
C GLY D 121 -20.46 29.00 20.56
N VAL D 122 -20.10 27.97 19.83
CA VAL D 122 -19.82 28.09 18.40
C VAL D 122 -21.15 27.98 17.64
N PRO D 123 -21.46 28.92 16.73
CA PRO D 123 -22.72 28.83 15.99
C PRO D 123 -22.79 27.62 15.09
N GLY D 124 -23.54 26.59 15.52
CA GLY D 124 -23.64 25.38 14.73
C GLY D 124 -24.20 25.62 13.34
N GLY D 125 -25.18 26.51 13.24
CA GLY D 125 -25.74 26.83 11.93
C GLY D 125 -24.73 27.49 11.02
N SER D 126 -23.88 28.35 11.57
CA SER D 126 -22.83 28.98 10.77
C SER D 126 -21.81 27.95 10.30
N VAL D 127 -21.46 27.00 11.17
CA VAL D 127 -20.56 25.92 10.77
C VAL D 127 -21.20 25.10 9.65
N ALA D 128 -22.49 24.79 9.78
CA ALA D 128 -23.18 24.04 8.74
C ALA D 128 -23.19 24.79 7.43
N ALA D 129 -23.34 26.13 7.48
CA ALA D 129 -23.23 26.93 6.27
C ALA D 129 -21.82 26.82 5.69
N GLY D 130 -20.81 26.94 6.53
CA GLY D 130 -19.44 26.82 6.05
C GLY D 130 -19.17 25.48 5.40
N VAL D 131 -19.71 24.40 5.98
CA VAL D 131 -19.52 23.07 5.41
C VAL D 131 -20.18 22.97 4.04
N ALA D 132 -21.33 23.63 3.87
CA ALA D 132 -22.01 23.62 2.57
C ALA D 132 -21.20 24.34 1.51
N LYS D 133 -20.53 25.44 1.89
CA LYS D 133 -19.69 26.15 0.94
C LYS D 133 -18.40 25.38 0.64
N MET D 134 -17.90 24.61 1.61
CA MET D 134 -16.84 23.66 1.34
C MET D 134 -17.25 22.66 0.26
N LYS D 135 -18.49 22.16 0.36
CA LYS D 135 -18.99 21.21 -0.62
C LYS D 135 -18.94 21.78 -2.03
N ASP D 136 -19.49 22.98 -2.22
CA ASP D 136 -19.53 23.59 -3.55
C ASP D 136 -18.12 23.83 -4.07
N ALA D 137 -17.21 24.29 -3.20
CA ALA D 137 -15.84 24.53 -3.64
C ALA D 137 -15.13 23.22 -3.97
N ALA D 138 -15.33 22.20 -3.15
CA ALA D 138 -14.68 20.91 -3.40
C ALA D 138 -15.21 20.27 -4.68
N ILE D 139 -16.52 20.33 -4.89
CA ILE D 139 -17.12 19.75 -6.09
C ILE D 139 -16.57 20.43 -7.34
N ALA D 140 -16.45 21.76 -7.29
CA ALA D 140 -15.90 22.49 -8.44
C ALA D 140 -14.47 22.09 -8.72
N ILE D 141 -13.69 21.84 -7.66
CA ILE D 141 -12.31 21.41 -7.85
C ILE D 141 -12.25 19.98 -8.34
N VAL D 142 -13.18 19.13 -7.88
CA VAL D 142 -13.19 17.73 -8.28
C VAL D 142 -13.63 17.59 -9.73
N ASN D 143 -14.60 18.42 -10.15
CA ASN D 143 -15.18 18.33 -11.49
C ASN D 143 -14.43 19.16 -12.53
N ASP D 144 -13.27 19.69 -12.18
CA ASP D 144 -12.47 20.47 -13.13
C ASP D 144 -12.01 19.59 -14.28
N PRO D 145 -12.45 19.84 -15.52
CA PRO D 145 -12.09 18.95 -16.62
C PRO D 145 -10.67 19.12 -17.13
N ASN D 146 -9.97 20.19 -16.74
CA ASN D 146 -8.62 20.43 -17.24
C ASN D 146 -7.64 19.44 -16.62
N GLY D 147 -6.65 19.03 -17.42
CA GLY D 147 -5.59 18.17 -16.94
C GLY D 147 -6.05 16.84 -16.39
N ILE D 148 -7.05 16.23 -17.03
CA ILE D 148 -7.58 14.97 -16.54
C ILE D 148 -8.39 14.32 -17.66
N THR D 149 -8.33 12.99 -17.73
CA THR D 149 -9.07 12.26 -18.76
C THR D 149 -10.56 12.49 -18.61
N LYS D 150 -11.21 12.85 -19.71
CA LYS D 150 -12.63 13.18 -19.68
C LYS D 150 -13.46 11.93 -19.37
N GLY D 151 -14.55 12.15 -18.63
CA GLY D 151 -15.44 11.08 -18.26
C GLY D 151 -16.48 11.59 -17.29
N ASP D 152 -17.45 10.72 -17.01
CA ASP D 152 -18.55 11.07 -16.12
C ASP D 152 -18.20 10.69 -14.68
N CYS D 153 -18.14 11.70 -13.81
CA CYS D 153 -17.90 11.51 -12.39
C CYS D 153 -19.13 11.87 -11.56
N SER D 154 -20.31 11.89 -12.18
CA SER D 154 -21.50 12.43 -11.52
C SER D 154 -21.94 11.57 -10.35
N ALA D 155 -21.81 10.24 -10.47
CA ALA D 155 -22.16 9.36 -9.36
C ALA D 155 -21.25 9.62 -8.16
N LEU D 156 -19.93 9.66 -8.41
CA LEU D 156 -18.99 9.99 -7.35
C LEU D 156 -19.32 11.34 -6.73
N VAL D 157 -19.54 12.36 -7.58
CA VAL D 157 -19.82 13.70 -7.10
C VAL D 157 -21.05 13.73 -6.20
N SER D 158 -22.09 12.98 -6.58
CA SER D 158 -23.27 12.87 -5.71
C SER D 158 -22.91 12.26 -4.36
N GLU D 159 -22.04 11.24 -4.38
CA GLU D 159 -21.60 10.62 -3.14
C GLU D 159 -20.86 11.62 -2.25
N ILE D 160 -19.89 12.34 -2.83
CA ILE D 160 -19.12 13.33 -2.07
C ILE D 160 -20.05 14.40 -1.50
N ALA D 161 -20.99 14.88 -2.31
CA ALA D 161 -21.93 15.89 -1.83
C ALA D 161 -22.77 15.34 -0.67
N SER D 162 -23.08 14.04 -0.69
CA SER D 162 -23.85 13.44 0.39
C SER D 162 -23.05 13.43 1.69
N TYR D 163 -21.75 13.20 1.61
CA TYR D 163 -20.91 13.24 2.81
C TYR D 163 -20.85 14.64 3.39
N PHE D 164 -20.75 15.66 2.53
CA PHE D 164 -20.77 17.04 3.00
C PHE D 164 -22.10 17.39 3.65
N ASP D 165 -23.21 17.05 2.98
CA ASP D 165 -24.52 17.30 3.55
C ASP D 165 -24.70 16.59 4.88
N ARG D 166 -24.15 15.38 4.99
CA ARG D 166 -24.15 14.67 6.26
C ARG D 166 -23.43 15.47 7.34
N ALA D 167 -22.25 16.01 7.00
CA ALA D 167 -21.48 16.79 7.96
C ALA D 167 -22.24 18.05 8.37
N ALA D 168 -22.86 18.73 7.40
CA ALA D 168 -23.58 19.95 7.71
C ALA D 168 -24.77 19.68 8.63
N ALA D 169 -25.50 18.58 8.39
CA ALA D 169 -26.69 18.29 9.17
C ALA D 169 -26.36 17.92 10.60
N ALA D 170 -25.16 17.38 10.85
CA ALA D 170 -24.78 16.98 12.20
C ALA D 170 -24.52 18.17 13.12
N VAL D 171 -24.37 19.37 12.58
CA VAL D 171 -24.12 20.57 13.39
C VAL D 171 -25.20 21.63 13.22
N ALA D 172 -26.07 21.52 12.23
CA ALA D 172 -27.17 22.47 12.06
C ALA D 172 -28.32 22.16 13.00
CHA CYC E . 22.92 31.64 -1.06
NA CYC E . 21.49 29.47 -1.03
C1A CYC E . 22.54 30.45 -0.57
C2A CYC E . 23.20 29.81 0.66
C3A CYC E . 22.56 28.51 0.95
C4A CYC E . 21.51 28.29 -0.10
CMA CYC E . 22.96 27.58 2.12
CAA CYC E . 24.35 30.47 1.46
CBA CYC E . 25.66 29.65 1.37
CGA CYC E . 26.07 29.47 -0.09
O1A CYC E . 26.12 28.31 -0.60
O2A CYC E . 26.36 30.49 -0.79
CHB CYC E . 20.56 27.07 -0.25
NB CYC E . 22.32 25.23 0.30
C1B CYC E . 20.92 25.81 0.00
C2B CYC E . 20.00 24.64 0.06
C3B CYC E . 20.70 23.43 0.35
C4B CYC E . 22.16 23.71 0.53
CMB CYC E . 18.47 24.74 -0.19
CAB CYC E . 20.04 22.04 0.47
CBB CYC E . 19.84 21.44 -0.93
OB CYC E . 23.03 22.93 0.78
NC CYC E . 18.51 35.48 -4.23
C1C CYC E . 17.71 36.15 -5.11
C2C CYC E . 17.07 35.08 -6.03
C3C CYC E . 17.17 33.80 -5.16
C4C CYC E . 18.45 33.94 -4.54
CMC CYC E . 15.67 35.48 -6.31
CAC CYC E . 17.06 32.52 -6.04
CBC CYC E . 15.60 31.99 -5.98
OC CYC E . 17.52 37.32 -5.15
CHD CYC E . 19.40 32.97 -4.34
ND CYC E . 21.18 32.11 -2.58
C1D CYC E . 20.70 33.09 -3.44
C2D CYC E . 21.57 34.19 -3.40
C3D CYC E . 22.57 33.91 -2.54
C4D CYC E . 22.30 32.67 -2.05
CMD CYC E . 21.50 35.54 -4.18
CAD CYC E . 23.78 34.75 -2.08
CBD CYC E . 23.44 35.10 -0.60
CGD CYC E . 24.69 35.28 0.28
O1D CYC E . 24.58 35.92 1.36
O2D CYC E . 25.80 34.79 -0.07
P PO4 F . 7.79 29.76 7.46
O1 PO4 F . 6.75 30.23 6.46
O2 PO4 F . 7.60 30.50 8.77
O3 PO4 F . 7.64 28.28 7.69
O4 PO4 F . 9.17 30.06 6.91
CHA CYC G . 19.73 -22.48 17.22
NA CYC G . 19.49 -20.70 15.32
C1A CYC G . 19.64 -21.22 16.74
C2A CYC G . 19.71 -19.97 17.63
C3A CYC G . 19.61 -18.75 16.79
C4A CYC G . 19.46 -19.20 15.36
CMA CYC G . 19.63 -17.30 17.33
CAA CYC G . 19.87 -20.00 19.17
CBA CYC G . 18.55 -19.55 19.87
CGA CYC G . 17.37 -20.46 19.49
O1A CYC G . 16.28 -19.95 19.12
O2A CYC G . 17.50 -21.72 19.56
CHB CYC G . 19.32 -18.30 14.10
NB CYC G . 17.64 -16.57 15.07
C1B CYC G . 18.62 -17.17 14.04
C2B CYC G . 18.63 -16.17 12.90
C3B CYC G . 17.77 -15.07 13.18
C4B CYC G . 17.11 -15.24 14.51
CMB CYC G . 19.46 -16.32 11.62
CAB CYC G . 17.55 -13.88 12.22
CBB CYC G . 18.02 -12.58 12.92
OB CYC G . 16.34 -14.49 15.02
NC CYC G . 21.27 -27.38 13.07
C1C CYC G . 21.50 -28.35 12.17
C2C CYC G . 20.95 -27.88 10.80
C3C CYC G . 20.49 -26.42 11.02
C4C CYC G . 20.51 -26.17 12.44
CMC CYC G . 22.03 -27.92 9.80
CAC CYC G . 19.04 -26.27 10.45
CBC CYC G . 19.14 -25.77 8.99
OC CYC G . 22.06 -29.38 12.35
CHD CYC G . 19.91 -25.11 13.05
ND CYC G . 19.83 -23.61 15.21
C1D CYC G . 19.77 -24.85 14.60
C2D CYC G . 19.53 -25.81 15.59
C3D CYC G . 19.46 -25.19 16.79
C4D CYC G . 19.64 -23.87 16.53
CMD CYC G . 19.37 -27.34 15.42
CAD CYC G . 19.23 -25.84 18.18
CBD CYC G . 20.59 -25.86 18.91
CGD CYC G . 20.41 -26.41 20.34
O1D CYC G . 19.27 -26.80 20.71
O2D CYC G . 21.40 -26.45 21.13
CHA CYC H . 2.77 -10.71 -15.60
NA CYC H . 2.65 -11.00 -13.00
C1A CYC H . 2.23 -10.52 -14.38
C2A CYC H . 0.94 -9.71 -14.15
C3A CYC H . 0.61 -9.69 -12.72
C4A CYC H . 1.66 -10.48 -12.00
CMA CYC H . -0.62 -8.96 -12.14
CAA CYC H . 0.12 -9.00 -15.27
CBA CYC H . -1.06 -9.90 -15.72
CGA CYC H . -0.55 -11.27 -16.20
O1A CYC H . 0.26 -11.34 -17.16
O2A CYC H . -0.97 -12.32 -15.64
CHB CYC H . 1.78 -10.80 -10.48
NB CYC H . 0.77 -8.63 -9.44
C1B CYC H . 1.35 -10.05 -9.44
C2B CYC H . 1.32 -10.48 -8.00
C3B CYC H . 0.79 -9.45 -7.17
C4B CYC H . 0.42 -8.25 -7.98
CMB CYC H . 1.81 -11.85 -7.49
CAB CYC H . 0.65 -9.58 -5.63
CBB CYC H . -0.70 -9.03 -5.14
OB CYC H . -0.03 -7.23 -7.61
NC CYC H . 6.47 -15.78 -16.32
C1C CYC H . 7.34 -16.78 -16.59
C2C CYC H . 8.43 -16.77 -15.49
C3C CYC H . 7.86 -15.86 -14.38
C4C CYC H . 6.90 -15.00 -15.03
CMC CYC H . 8.63 -18.13 -14.97
CAC CYC H . 9.01 -15.01 -13.76
CBC CYC H . 9.04 -15.24 -12.22
OC CYC H . 7.28 -17.55 -17.50
CHD CYC H . 6.40 -13.84 -14.55
ND CYC H . 4.41 -12.19 -15.00
C1D CYC H . 5.56 -12.84 -15.41
C2D CYC H . 5.87 -12.45 -16.72
C3D CYC H . 4.93 -11.57 -17.14
C4D CYC H . 4.07 -11.43 -16.08
CMD CYC H . 7.06 -12.91 -17.59
CAD CYC H . 4.82 -10.86 -18.51
CBD CYC H . 5.68 -9.57 -18.52
CGD CYC H . 5.26 -8.65 -17.36
O1D CYC H . 4.05 -8.33 -17.20
O2D CYC H . 6.15 -8.20 -16.57
CHA CYC I . -21.39 -30.46 12.34
NA CYC I . -20.01 -28.44 11.49
C1A CYC I . -20.84 -29.25 12.46
C2A CYC I . -21.00 -28.38 13.72
C3A CYC I . -20.28 -27.11 13.54
C4A CYC I . -19.68 -27.14 12.15
CMA CYC I . -20.21 -25.99 14.59
CAA CYC I . -21.78 -28.82 14.99
CBA CYC I . -23.02 -27.93 15.24
CGA CYC I . -23.94 -27.96 14.01
O1A CYC I . -24.00 -26.96 13.23
O2A CYC I . -24.62 -28.99 13.78
CHB CYC I . -18.82 -26.04 11.46
NB CYC I . -20.23 -24.00 12.25
C1B CYC I . -19.05 -24.72 11.57
C2B CYC I . -18.17 -23.65 11.03
C3B CYC I . -18.70 -22.36 11.33
C4B CYC I . -19.99 -22.48 12.09
CMB CYC I . -16.86 -23.91 10.26
CAB CYC I . -18.03 -21.03 10.91
CBB CYC I . -18.75 -20.50 9.65
OB CYC I . -20.68 -21.59 12.48
NC CYC I . -18.38 -34.98 8.45
C1C CYC I . -18.04 -35.83 7.46
C2C CYC I . -17.83 -34.99 6.19
C3C CYC I . -17.57 -33.57 6.77
C4C CYC I . -18.44 -33.51 7.91
CMC CYC I . -16.66 -35.51 5.46
CAC CYC I . -17.88 -32.48 5.70
CBC CYC I . -16.54 -31.97 5.11
OC CYC I . -17.91 -37.01 7.54
CHD CYC I . -19.20 -32.45 8.33
ND CYC I . -20.28 -31.25 10.43
C1D CYC I . -20.11 -32.38 9.62
C2D CYC I . -20.92 -33.42 10.13
C3D CYC I . -21.57 -32.95 11.22
C4D CYC I . -21.15 -31.68 11.38
CMD CYC I . -21.11 -34.85 9.60
CAD CYC I . -22.54 -33.65 12.20
CBD CYC I . -21.72 -33.72 13.52
CGD CYC I . -22.62 -33.86 14.76
O1D CYC I . -23.80 -33.43 14.74
O2D CYC I . -22.14 -34.41 15.79
CHA CYC J . -13.09 25.29 19.07
NA CYC J . -13.51 23.22 17.54
C1A CYC J . -13.18 23.97 18.82
C2A CYC J . -12.93 22.86 19.88
C3A CYC J . -13.13 21.54 19.26
C4A CYC J . -13.47 21.75 17.81
CMA CYC J . -12.97 20.20 20.01
CAA CYC J . -12.56 23.06 21.38
CBA CYC J . -11.40 24.06 21.64
CGA CYC J . -10.31 24.01 20.55
O1A CYC J . -9.89 22.89 20.12
O2A CYC J . -9.83 25.08 20.09
CHB CYC J . -13.77 20.66 16.74
NB CYC J . -11.79 19.11 17.37
C1B CYC J . -13.11 19.49 16.69
C2B CYC J . -13.54 18.25 15.95
C3B CYC J . -12.60 17.20 16.14
C4B CYC J . -11.46 17.64 17.01
CMB CYC J . -14.82 18.13 15.10
CAB CYC J . -12.76 15.78 15.50
CBB CYC J . -11.42 15.31 14.88
OB CYC J . -10.52 17.01 17.36
NC CYC J . -16.24 29.65 14.92
C1C CYC J . -16.92 30.38 14.02
C2C CYC J . -17.08 29.53 12.74
C3C CYC J . -16.44 28.16 13.07
C4C CYC J . -15.84 28.23 14.38
CMC CYC J . -18.54 29.37 12.48
CAC CYC J . -15.36 27.84 11.97
CBC CYC J . -16.04 27.69 10.59
OC CYC J . -17.33 31.48 14.17
CHD CYC J . -15.06 27.27 14.95
ND CYC J . -14.05 26.11 17.09
C1D CYC J . -14.35 27.26 16.36
C2D CYC J . -13.88 28.37 17.10
C3D CYC J . -13.33 27.93 18.24
C4D CYC J . -13.43 26.57 18.21
CMD CYC J . -13.94 29.87 16.77
CAD CYC J . -12.69 28.77 19.37
CBD CYC J . -13.69 28.84 20.56
CGD CYC J . -13.13 29.81 21.61
O1D CYC J . -11.87 29.92 21.75
O2D CYC J . -13.91 30.49 22.33
CHA CYC K . -8.22 8.41 -15.42
NA CYC K . -7.34 8.67 -12.98
C1A CYC K . -7.40 8.11 -14.39
C2A CYC K . -6.22 7.12 -14.47
C3A CYC K . -5.52 7.06 -13.18
C4A CYC K . -6.21 8.02 -12.25
CMA CYC K . -4.29 6.15 -12.91
CAA CYC K . -5.84 6.28 -15.72
CBA CYC K . -4.82 7.05 -16.60
CGA CYC K . -5.51 8.26 -17.25
O1A CYC K . -6.52 8.08 -17.98
O2A CYC K . -5.06 9.43 -17.06
CHB CYC K . -5.90 8.39 -10.76
NB CYC K . -4.33 6.48 -9.87
C1B CYC K . -5.01 7.86 -9.89
C2B CYC K . -4.47 8.58 -8.69
C3B CYC K . -3.55 7.76 -7.97
C4B CYC K . -3.39 6.43 -8.65
CMB CYC K . -4.87 10.01 -8.27
CAB CYC K . -2.81 8.21 -6.68
CBB CYC K . -1.31 7.84 -6.72
OB CYC K . -2.71 5.52 -8.32
NC CYC K . -12.59 12.72 -15.37
C1C CYC K . -13.49 13.73 -15.47
C2C CYC K . -14.02 14.03 -14.05
C3C CYC K . -13.02 13.30 -13.10
C4C CYC K . -12.46 12.25 -13.89
CMC CYC K . -13.97 15.49 -13.79
CAC CYC K . -13.80 12.74 -11.88
CBC CYC K . -13.08 13.16 -10.57
OC CYC K . -13.81 14.30 -16.46
CHD CYC K . -11.71 11.21 -13.44
ND CYC K . -9.76 9.74 -14.44
C1D CYC K . -11.09 10.15 -14.41
C2D CYC K . -11.80 9.44 -15.39
C3D CYC K . -10.95 8.61 -16.02
C4D CYC K . -9.74 8.81 -15.42
CMD CYC K . -13.31 9.58 -15.70
CAD CYC K . -11.28 7.62 -17.18
CBD CYC K . -10.57 6.26 -16.90
CGD CYC K . -11.18 5.59 -15.67
O1D CYC K . -12.38 5.86 -15.32
O2D CYC K . -10.50 4.77 -14.99
#